data_3KOQ
#
_entry.id   3KOQ
#
_cell.length_a   58.369
_cell.length_b   87.924
_cell.length_c   87.501
_cell.angle_alpha   90.000
_cell.angle_beta   102.330
_cell.angle_gamma   90.000
#
_symmetry.space_group_name_H-M   'P 1 21 1'
#
loop_
_entity.id
_entity.type
_entity.pdbx_description
1 polymer 'NITROREDUCTASE FAMILY PROTEIN'
2 non-polymer 'FLAVIN MONONUCLEOTIDE'
3 non-polymer GLYCEROL
4 non-polymer 'CHLORIDE ION'
5 water water
#
_entity_poly.entity_id   1
_entity_poly.type   'polypeptide(L)'
_entity_poly.pdbx_seq_one_letter_code
;(MSE)GSDKIHHHHHHENLYFQG(MSE)NFVELAKKRYSCRNYQDRKVEKEKLEKVLDVARIAPTGGNRQPQRLIVIQEK
EGINKLSKAANIYDAPLAILVCGDKDKVWTRPFDGKQLTDIDTSIVTDH(MSE)(MSE)LQATELGLASVWVCYFNPDII
REEFSLPDNLEPINILL(MSE)GYESKIPESPERHEKTRVPLSEIVSYETL
;
_entity_poly.pdbx_strand_id   A,B,C,D
#
loop_
_chem_comp.id
_chem_comp.type
_chem_comp.name
_chem_comp.formula
CL non-polymer 'CHLORIDE ION' 'Cl -1'
FMN non-polymer 'FLAVIN MONONUCLEOTIDE' 'C17 H21 N4 O9 P'
GOL non-polymer GLYCEROL 'C3 H8 O3'
#
# COMPACT_ATOMS: atom_id res chain seq x y z
N GLY A 19 16.39 18.69 -1.16
CA GLY A 19 16.98 17.83 -2.23
C GLY A 19 16.25 18.06 -3.54
N MSE A 20 16.70 17.39 -4.60
CA MSE A 20 16.09 17.63 -5.89
C MSE A 20 14.83 16.79 -6.06
O MSE A 20 14.62 15.80 -5.35
CB MSE A 20 17.08 17.41 -7.05
CG MSE A 20 17.80 16.10 -7.11
SE MSE A 20 19.41 16.26 -8.26
CE MSE A 20 20.40 14.98 -7.14
N ASN A 21 13.97 17.21 -6.97
CA ASN A 21 12.82 16.40 -7.32
C ASN A 21 13.20 15.42 -8.44
N PHE A 22 12.23 14.63 -8.90
CA PHE A 22 12.60 13.55 -9.84
C PHE A 22 13.11 14.09 -11.15
N VAL A 23 12.47 15.10 -11.73
CA VAL A 23 12.94 15.61 -13.02
C VAL A 23 14.37 16.18 -12.90
N GLU A 24 14.67 16.82 -11.77
CA GLU A 24 16.01 17.36 -11.56
C GLU A 24 17.04 16.25 -11.53
N LEU A 25 16.70 15.15 -10.84
CA LEU A 25 17.56 13.96 -10.82
C LEU A 25 17.77 13.36 -12.24
N ALA A 26 16.67 13.19 -12.96
CA ALA A 26 16.69 12.64 -14.32
C ALA A 26 17.49 13.51 -15.28
N LYS A 27 17.40 14.84 -15.10
CA LYS A 27 18.16 15.78 -15.90
C LYS A 27 19.64 15.78 -15.54
N LYS A 28 19.93 15.66 -14.26
CA LYS A 28 21.31 15.69 -13.75
C LYS A 28 22.10 14.51 -14.33
N ARG A 29 21.49 13.33 -14.35
CA ARG A 29 22.14 12.15 -14.88
C ARG A 29 22.56 12.36 -16.32
N TYR A 30 23.83 12.06 -16.60
CA TYR A 30 24.36 12.07 -17.97
C TYR A 30 25.29 10.86 -18.12
N SER A 31 25.78 10.69 -19.33
CA SER A 31 26.72 9.62 -19.62
C SER A 31 28.17 10.09 -19.41
N CYS A 32 28.79 9.51 -18.37
CA CYS A 32 30.19 9.79 -18.02
C CYS A 32 31.17 8.76 -18.64
N ARG A 33 32.21 9.28 -19.30
CA ARG A 33 33.24 8.41 -19.88
C ARG A 33 34.67 8.83 -19.48
N ASN A 34 34.71 9.58 -18.38
CA ASN A 34 35.92 10.12 -17.78
C ASN A 34 35.81 10.00 -16.28
N TYR A 35 36.56 9.04 -15.72
CA TYR A 35 36.44 8.62 -14.35
C TYR A 35 37.76 8.85 -13.62
N GLN A 36 37.62 9.33 -12.40
CA GLN A 36 38.74 9.47 -11.46
C GLN A 36 39.19 8.07 -11.03
N ASP A 37 40.40 7.98 -10.48
N ASP A 37 40.38 7.98 -10.46
CA ASP A 37 40.87 6.80 -9.77
CA ASP A 37 40.84 6.73 -9.85
C ASP A 37 39.97 6.38 -8.61
C ASP A 37 40.07 6.39 -8.54
N ARG A 38 39.34 7.36 -7.99
CA ARG A 38 38.61 7.18 -6.79
C ARG A 38 37.56 6.04 -6.81
N LYS A 39 37.65 5.17 -5.83
CA LYS A 39 36.71 4.07 -5.73
C LYS A 39 35.34 4.52 -5.23
N VAL A 40 34.34 3.72 -5.56
CA VAL A 40 33.02 3.91 -5.03
C VAL A 40 32.94 3.36 -3.60
N GLU A 41 32.50 4.22 -2.68
CA GLU A 41 32.38 3.85 -1.27
C GLU A 41 31.38 2.71 -1.13
N LYS A 42 31.70 1.74 -0.25
CA LYS A 42 30.81 0.61 0.01
C LYS A 42 29.39 1.07 0.35
N GLU A 43 29.27 2.13 1.15
CA GLU A 43 28.00 2.65 1.60
C GLU A 43 27.10 3.09 0.41
N LYS A 44 27.70 3.71 -0.60
CA LYS A 44 26.98 4.12 -1.81
C LYS A 44 26.62 2.89 -2.67
N LEU A 45 27.56 1.96 -2.84
CA LEU A 45 27.29 0.74 -3.60
C LEU A 45 26.10 0.01 -2.99
N GLU A 46 26.06 -0.09 -1.66
CA GLU A 46 24.95 -0.80 -1.01
C GLU A 46 23.59 -0.15 -1.28
N LYS A 47 23.55 1.18 -1.24
CA LYS A 47 22.32 1.91 -1.61
C LYS A 47 21.89 1.66 -3.05
N VAL A 48 22.89 1.66 -3.96
CA VAL A 48 22.62 1.34 -5.36
C VAL A 48 22.03 -0.08 -5.48
N LEU A 49 22.63 -1.06 -4.82
CA LEU A 49 22.12 -2.41 -4.85
C LEU A 49 20.71 -2.53 -4.30
N ASP A 50 20.42 -1.79 -3.22
CA ASP A 50 19.10 -1.94 -2.54
C ASP A 50 17.93 -1.75 -3.52
N VAL A 51 18.07 -0.80 -4.45
CA VAL A 51 16.96 -0.50 -5.36
C VAL A 51 16.80 -1.54 -6.50
N ALA A 52 17.86 -2.36 -6.71
CA ALA A 52 17.81 -3.47 -7.66
C ALA A 52 16.78 -4.51 -7.17
N ARG A 53 16.68 -4.59 -5.85
CA ARG A 53 15.73 -5.47 -5.19
C ARG A 53 14.34 -4.82 -5.10
N ILE A 54 14.30 -3.54 -4.75
N ILE A 54 14.31 -3.53 -4.75
CA ILE A 54 13.01 -2.81 -4.59
CA ILE A 54 13.04 -2.77 -4.60
C ILE A 54 12.25 -2.69 -5.90
C ILE A 54 12.25 -2.77 -5.89
N ALA A 55 12.97 -2.60 -7.01
CA ALA A 55 12.35 -2.55 -8.37
C ALA A 55 11.32 -3.64 -8.66
N PRO A 56 10.30 -3.27 -9.44
CA PRO A 56 9.35 -4.29 -9.85
C PRO A 56 9.84 -5.09 -11.04
N THR A 57 9.34 -6.32 -11.16
CA THR A 57 9.66 -7.17 -12.29
C THR A 57 8.36 -7.90 -12.68
N GLY A 58 8.24 -8.29 -13.94
CA GLY A 58 7.02 -8.96 -14.46
C GLY A 58 6.70 -10.19 -13.65
N GLY A 59 5.49 -10.26 -13.14
CA GLY A 59 5.05 -11.42 -12.34
C GLY A 59 5.75 -11.51 -11.01
N ASN A 60 6.42 -10.45 -10.58
CA ASN A 60 7.34 -10.53 -9.44
C ASN A 60 8.32 -11.69 -9.57
N ARG A 61 8.71 -12.03 -10.79
CA ARG A 61 9.60 -13.20 -10.98
C ARG A 61 11.03 -12.94 -10.54
N GLN A 62 11.44 -11.68 -10.48
CA GLN A 62 12.79 -11.30 -10.04
C GLN A 62 13.88 -12.12 -10.74
N PRO A 63 13.96 -11.99 -12.08
CA PRO A 63 14.94 -12.78 -12.85
C PRO A 63 16.35 -12.14 -12.95
N GLN A 64 16.50 -10.97 -12.33
CA GLN A 64 17.72 -10.23 -12.45
C GLN A 64 18.81 -10.94 -11.64
N ARG A 65 19.96 -11.04 -12.24
CA ARG A 65 21.14 -11.58 -11.55
C ARG A 65 22.30 -10.64 -11.81
N LEU A 66 22.84 -10.09 -10.72
CA LEU A 66 23.84 -9.01 -10.77
C LEU A 66 25.22 -9.57 -10.34
N ILE A 67 26.25 -9.12 -11.05
CA ILE A 67 27.64 -9.35 -10.62
C ILE A 67 28.29 -8.02 -10.42
N VAL A 68 28.61 -7.71 -9.17
CA VAL A 68 29.26 -6.47 -8.79
C VAL A 68 30.77 -6.63 -9.04
N ILE A 69 31.34 -5.72 -9.83
CA ILE A 69 32.72 -5.84 -10.28
C ILE A 69 33.52 -4.61 -9.94
N GLN A 70 34.41 -4.76 -8.97
CA GLN A 70 35.24 -3.63 -8.55
C GLN A 70 36.67 -4.07 -8.32
N GLU A 71 37.01 -5.27 -8.76
CA GLU A 71 38.37 -5.78 -8.53
C GLU A 71 39.03 -6.07 -9.86
N LYS A 72 40.35 -6.25 -9.81
CA LYS A 72 41.13 -6.21 -11.05
C LYS A 72 40.78 -7.29 -12.08
N GLU A 73 40.66 -8.54 -11.65
N GLU A 73 40.66 -8.55 -11.67
CA GLU A 73 40.35 -9.63 -12.57
CA GLU A 73 40.38 -9.64 -12.62
C GLU A 73 39.06 -9.33 -13.36
C GLU A 73 39.03 -9.44 -13.34
N GLY A 74 38.01 -9.01 -12.62
CA GLY A 74 36.69 -8.76 -13.22
C GLY A 74 36.67 -7.56 -14.12
N ILE A 75 37.35 -6.49 -13.72
CA ILE A 75 37.47 -5.28 -14.53
C ILE A 75 38.19 -5.65 -15.82
N ASN A 76 39.25 -6.44 -15.72
CA ASN A 76 39.93 -6.91 -16.95
C ASN A 76 39.07 -7.79 -17.85
N LYS A 77 38.28 -8.64 -17.24
CA LYS A 77 37.36 -9.52 -17.98
C LYS A 77 36.36 -8.69 -18.76
N LEU A 78 35.75 -7.71 -18.09
CA LEU A 78 34.83 -6.79 -18.77
C LEU A 78 35.50 -6.04 -19.90
N SER A 79 36.75 -5.64 -19.64
CA SER A 79 37.57 -4.93 -20.65
C SER A 79 37.88 -5.74 -21.93
N LYS A 80 37.81 -7.07 -21.86
CA LYS A 80 37.93 -7.95 -23.01
C LYS A 80 36.71 -7.84 -23.90
N ALA A 81 35.57 -7.42 -23.31
CA ALA A 81 34.29 -7.43 -23.99
C ALA A 81 33.79 -6.02 -24.41
N ALA A 82 34.28 -5.00 -23.72
CA ALA A 82 33.75 -3.63 -23.84
C ALA A 82 34.82 -2.62 -23.42
N ASN A 83 34.62 -1.38 -23.80
CA ASN A 83 35.38 -0.28 -23.23
C ASN A 83 34.64 0.26 -22.04
N ILE A 84 35.21 0.06 -20.86
CA ILE A 84 34.59 0.56 -19.65
C ILE A 84 35.26 1.81 -19.09
N TYR A 85 36.08 2.47 -19.91
CA TYR A 85 36.61 3.79 -19.59
C TYR A 85 37.29 3.93 -18.23
N ASP A 86 38.01 2.90 -17.83
CA ASP A 86 38.62 2.91 -16.48
C ASP A 86 37.67 3.24 -15.33
N ALA A 87 36.39 2.91 -15.51
CA ALA A 87 35.45 3.06 -14.37
C ALA A 87 35.87 2.16 -13.21
N PRO A 88 35.76 2.65 -11.98
CA PRO A 88 36.16 1.85 -10.80
C PRO A 88 35.14 0.79 -10.32
N LEU A 89 33.93 0.87 -10.84
N LEU A 89 33.92 0.91 -10.83
CA LEU A 89 32.86 -0.03 -10.45
CA LEU A 89 32.83 0.01 -10.46
C LEU A 89 31.94 -0.29 -11.63
C LEU A 89 32.03 -0.31 -11.70
N ALA A 90 31.61 -1.56 -11.81
CA ALA A 90 30.72 -1.97 -12.87
C ALA A 90 29.77 -2.98 -12.27
N ILE A 91 28.53 -2.97 -12.71
CA ILE A 91 27.61 -4.06 -12.34
C ILE A 91 27.14 -4.71 -13.65
N LEU A 92 27.38 -6.02 -13.81
CA LEU A 92 26.92 -6.79 -14.92
C LEU A 92 25.52 -7.28 -14.54
N VAL A 93 24.52 -6.85 -15.33
CA VAL A 93 23.13 -7.22 -15.09
C VAL A 93 22.69 -8.26 -16.08
N CYS A 94 22.48 -9.47 -15.55
CA CYS A 94 21.99 -10.60 -16.35
C CYS A 94 20.53 -10.86 -16.03
N GLY A 95 19.89 -11.57 -16.94
CA GLY A 95 18.50 -11.99 -16.79
C GLY A 95 18.44 -13.49 -16.85
N ASP A 96 17.71 -14.08 -15.91
CA ASP A 96 17.56 -15.54 -15.82
C ASP A 96 16.29 -15.98 -16.53
N LYS A 97 16.48 -16.61 -17.69
CA LYS A 97 15.38 -17.01 -18.54
C LYS A 97 14.64 -18.20 -17.95
N ASP A 98 15.19 -18.83 -16.91
CA ASP A 98 14.45 -19.87 -16.15
C ASP A 98 13.48 -19.31 -15.12
N LYS A 99 13.57 -18.01 -14.86
CA LYS A 99 12.74 -17.32 -13.87
C LYS A 99 11.73 -16.37 -14.56
N VAL A 100 12.18 -15.73 -15.64
CA VAL A 100 11.42 -14.68 -16.29
C VAL A 100 10.05 -15.13 -16.78
N TRP A 101 9.10 -14.19 -16.74
CA TRP A 101 7.79 -14.42 -17.33
C TRP A 101 7.86 -14.48 -18.85
N THR A 102 7.07 -15.38 -19.44
CA THR A 102 6.94 -15.52 -20.85
C THR A 102 5.48 -15.23 -21.26
N ARG A 103 5.29 -14.40 -22.26
CA ARG A 103 3.94 -14.05 -22.72
C ARG A 103 3.37 -15.18 -23.59
N PRO A 104 2.14 -15.66 -23.26
CA PRO A 104 1.58 -16.78 -24.06
C PRO A 104 1.28 -16.48 -25.53
N PHE A 105 0.93 -15.24 -25.84
CA PHE A 105 0.49 -14.94 -27.19
C PHE A 105 1.59 -15.15 -28.21
N ASP A 106 2.79 -14.68 -27.87
CA ASP A 106 3.88 -14.60 -28.85
C ASP A 106 5.22 -15.13 -28.33
N GLY A 107 5.25 -15.60 -27.10
CA GLY A 107 6.45 -16.12 -26.48
C GLY A 107 7.45 -15.07 -26.03
N LYS A 108 7.07 -13.79 -26.08
N LYS A 108 7.04 -13.79 -26.05
CA LYS A 108 8.02 -12.73 -25.68
CA LYS A 108 7.92 -12.68 -25.60
C LYS A 108 8.33 -12.86 -24.19
C LYS A 108 8.33 -12.89 -24.15
N GLN A 109 9.63 -12.77 -23.86
CA GLN A 109 10.13 -12.91 -22.49
C GLN A 109 10.50 -11.50 -21.99
N LEU A 110 10.27 -11.26 -20.72
CA LEU A 110 10.54 -9.92 -20.10
C LEU A 110 11.99 -9.70 -19.67
N THR A 111 12.90 -10.48 -20.22
CA THR A 111 14.27 -10.48 -19.79
C THR A 111 14.96 -9.10 -19.90
N ASP A 112 14.79 -8.47 -21.04
CA ASP A 112 15.41 -7.13 -21.22
C ASP A 112 14.67 -6.06 -20.41
N ILE A 113 13.36 -6.23 -20.29
CA ILE A 113 12.55 -5.23 -19.64
C ILE A 113 12.84 -5.20 -18.11
N ASP A 114 12.69 -6.37 -17.46
CA ASP A 114 12.95 -6.52 -16.07
C ASP A 114 14.34 -6.03 -15.69
N THR A 115 15.35 -6.51 -16.44
CA THR A 115 16.74 -6.12 -16.08
C THR A 115 16.95 -4.62 -16.32
N SER A 116 16.25 -4.03 -17.28
CA SER A 116 16.44 -2.58 -17.57
C SER A 116 15.75 -1.73 -16.50
N ILE A 117 14.60 -2.16 -16.01
CA ILE A 117 13.98 -1.45 -14.91
C ILE A 117 14.99 -1.44 -13.74
N VAL A 118 15.56 -2.60 -13.46
CA VAL A 118 16.55 -2.74 -12.35
C VAL A 118 17.71 -1.83 -12.59
N THR A 119 18.24 -1.86 -13.82
CA THR A 119 19.45 -1.04 -14.16
C THR A 119 19.16 0.48 -14.05
N ASP A 120 17.97 0.84 -14.47
CA ASP A 120 17.54 2.25 -14.51
C ASP A 120 17.40 2.73 -13.06
N HIS A 121 16.76 1.94 -12.21
CA HIS A 121 16.65 2.25 -10.78
C HIS A 121 18.06 2.48 -10.14
N MSE A 122 19.02 1.58 -10.45
CA MSE A 122 20.41 1.72 -9.94
C MSE A 122 21.07 2.96 -10.41
O MSE A 122 21.69 3.71 -9.64
CB MSE A 122 21.25 0.47 -10.28
CG MSE A 122 20.75 -0.77 -9.56
SE MSE A 122 22.15 -2.14 -9.55
CE MSE A 122 22.13 -2.42 -11.50
N MSE A 123 20.90 3.24 -11.71
CA MSE A 123 21.56 4.37 -12.32
C MSE A 123 21.05 5.71 -11.76
O MSE A 123 21.82 6.62 -11.51
CB MSE A 123 21.29 4.36 -13.85
CG MSE A 123 21.96 5.53 -14.54
SE MSE A 123 21.75 5.30 -16.51
CE MSE A 123 19.78 5.19 -16.63
N LEU A 124 19.72 5.79 -11.51
CA LEU A 124 19.11 6.95 -10.85
C LEU A 124 19.56 7.09 -9.40
N GLN A 125 19.63 5.97 -8.67
CA GLN A 125 20.10 6.00 -7.29
C GLN A 125 21.60 6.44 -7.26
N ALA A 126 22.39 5.89 -8.17
CA ALA A 126 23.82 6.27 -8.24
C ALA A 126 23.93 7.80 -8.41
N THR A 127 23.06 8.35 -9.26
CA THR A 127 23.10 9.77 -9.62
C THR A 127 22.82 10.63 -8.37
N GLU A 128 21.87 10.17 -7.56
CA GLU A 128 21.48 10.92 -6.33
C GLU A 128 22.65 11.05 -5.37
N LEU A 129 23.52 10.06 -5.41
CA LEU A 129 24.65 9.92 -4.47
C LEU A 129 25.94 10.57 -4.98
N GLY A 130 25.85 11.35 -6.05
CA GLY A 130 26.98 12.06 -6.58
C GLY A 130 27.86 11.24 -7.51
N LEU A 131 27.43 10.02 -7.84
CA LEU A 131 28.21 9.15 -8.69
C LEU A 131 27.89 9.47 -10.15
N ALA A 132 28.94 9.45 -10.96
CA ALA A 132 28.84 9.45 -12.38
C ALA A 132 28.58 8.01 -12.84
N SER A 133 27.99 7.88 -14.03
CA SER A 133 27.66 6.58 -14.60
C SER A 133 27.56 6.61 -16.10
N VAL A 134 27.63 5.43 -16.69
CA VAL A 134 27.22 5.18 -18.10
C VAL A 134 26.65 3.76 -18.25
N TRP A 135 25.53 3.65 -18.96
CA TRP A 135 24.92 2.38 -19.32
C TRP A 135 25.64 1.82 -20.52
N VAL A 136 25.99 0.53 -20.54
CA VAL A 136 26.82 -0.05 -21.63
C VAL A 136 26.15 -1.27 -22.15
N CYS A 137 25.72 -1.20 -23.43
CA CYS A 137 25.27 -2.39 -24.18
C CYS A 137 26.17 -2.73 -25.35
N TYR A 138 27.21 -1.91 -25.59
CA TYR A 138 28.15 -2.17 -26.67
C TYR A 138 29.24 -3.13 -26.14
N PHE A 139 28.84 -4.40 -25.95
CA PHE A 139 29.75 -5.43 -25.47
C PHE A 139 29.57 -6.70 -26.27
N ASN A 140 30.59 -7.56 -26.21
CA ASN A 140 30.53 -8.84 -26.85
C ASN A 140 29.95 -9.81 -25.81
N PRO A 141 28.71 -10.26 -26.03
CA PRO A 141 28.06 -11.07 -24.99
C PRO A 141 28.72 -12.48 -24.86
N ASP A 142 29.32 -12.96 -25.96
CA ASP A 142 30.03 -14.25 -25.93
C ASP A 142 31.26 -14.21 -25.07
N ILE A 143 32.03 -13.11 -25.15
CA ILE A 143 33.20 -12.92 -24.26
C ILE A 143 32.71 -12.81 -22.84
N ILE A 144 31.61 -12.08 -22.59
CA ILE A 144 31.13 -12.01 -21.22
C ILE A 144 30.72 -13.39 -20.67
N ARG A 145 30.02 -14.16 -21.51
N ARG A 145 30.01 -14.16 -21.49
CA ARG A 145 29.58 -15.48 -21.12
CA ARG A 145 29.57 -15.49 -21.09
C ARG A 145 30.77 -16.37 -20.74
C ARG A 145 30.75 -16.39 -20.75
N GLU A 146 31.78 -16.34 -21.59
CA GLU A 146 32.99 -17.16 -21.37
C GLU A 146 33.74 -16.69 -20.12
N GLU A 147 34.02 -15.39 -20.05
CA GLU A 147 34.87 -14.88 -18.97
C GLU A 147 34.26 -15.05 -17.58
N PHE A 148 32.93 -14.88 -17.49
CA PHE A 148 32.24 -15.04 -16.22
C PHE A 148 31.57 -16.40 -16.03
N SER A 149 31.87 -17.34 -16.93
CA SER A 149 31.31 -18.69 -16.92
C SER A 149 29.80 -18.69 -16.69
N LEU A 150 29.11 -17.88 -17.48
CA LEU A 150 27.68 -17.83 -17.30
C LEU A 150 27.03 -19.11 -17.81
N PRO A 151 26.13 -19.68 -17.00
CA PRO A 151 25.33 -20.78 -17.52
C PRO A 151 24.34 -20.34 -18.59
N ASP A 152 23.77 -21.32 -19.30
CA ASP A 152 22.97 -21.05 -20.49
C ASP A 152 21.69 -20.23 -20.18
N ASN A 153 21.19 -20.36 -18.97
CA ASN A 153 19.97 -19.66 -18.49
C ASN A 153 20.19 -18.19 -18.16
N LEU A 154 21.44 -17.74 -18.06
CA LEU A 154 21.68 -16.35 -17.71
C LEU A 154 22.16 -15.65 -18.95
N GLU A 155 21.53 -14.53 -19.31
CA GLU A 155 21.93 -13.73 -20.45
C GLU A 155 22.43 -12.40 -19.94
N PRO A 156 23.63 -11.97 -20.36
CA PRO A 156 24.11 -10.66 -19.92
C PRO A 156 23.39 -9.57 -20.73
N ILE A 157 22.76 -8.60 -20.04
CA ILE A 157 21.94 -7.61 -20.77
C ILE A 157 22.56 -6.19 -20.78
N ASN A 158 22.87 -5.71 -19.59
CA ASN A 158 23.37 -4.38 -19.38
C ASN A 158 24.61 -4.42 -18.52
N ILE A 159 25.54 -3.53 -18.81
CA ILE A 159 26.67 -3.22 -17.91
C ILE A 159 26.47 -1.74 -17.45
N LEU A 160 26.37 -1.53 -16.15
CA LEU A 160 26.28 -0.19 -15.58
C LEU A 160 27.63 0.13 -14.90
N LEU A 161 28.26 1.17 -15.40
CA LEU A 161 29.51 1.71 -14.88
C LEU A 161 29.22 2.87 -13.99
N MSE A 162 29.99 2.98 -12.92
N MSE A 162 30.02 3.00 -12.95
CA MSE A 162 29.90 4.07 -11.94
CA MSE A 162 29.88 4.05 -11.92
C MSE A 162 31.27 4.53 -11.48
C MSE A 162 31.21 4.46 -11.29
O MSE A 162 32.25 3.81 -11.62
O MSE A 162 32.10 3.64 -11.05
CB MSE A 162 29.06 3.66 -10.73
CB MSE A 162 28.90 3.61 -10.82
CG MSE A 162 27.60 3.67 -10.95
CG MSE A 162 27.55 3.14 -11.33
SE MSE A 162 26.88 2.52 -9.52
SE MSE A 162 26.38 2.52 -9.92
CE MSE A 162 27.10 0.82 -10.54
CE MSE A 162 27.69 2.22 -8.59
N GLY A 163 31.28 5.74 -10.92
CA GLY A 163 32.49 6.29 -10.34
C GLY A 163 32.32 7.78 -10.12
N TYR A 164 33.44 8.50 -10.17
CA TYR A 164 33.44 9.97 -10.00
C TYR A 164 33.95 10.64 -11.31
N GLU A 165 33.16 11.59 -11.83
CA GLU A 165 33.56 12.35 -13.01
C GLU A 165 34.91 13.02 -12.79
N SER A 166 35.79 12.91 -13.77
CA SER A 166 37.14 13.51 -13.66
C SER A 166 37.27 14.88 -14.34
N LYS A 167 36.33 15.23 -15.21
CA LYS A 167 36.31 16.54 -15.92
C LYS A 167 35.09 17.37 -15.47
N ILE A 168 34.35 17.96 -16.40
CA ILE A 168 33.18 18.75 -15.99
C ILE A 168 31.92 17.95 -16.36
N PRO A 169 30.97 17.82 -15.42
CA PRO A 169 29.75 17.10 -15.75
C PRO A 169 28.98 17.77 -16.88
N GLU A 170 28.22 17.00 -17.66
CA GLU A 170 27.32 17.59 -18.64
C GLU A 170 26.22 18.39 -17.92
N SER A 171 25.70 19.41 -18.60
CA SER A 171 24.68 20.26 -17.99
C SER A 171 23.35 19.56 -17.82
N PRO A 172 22.67 19.80 -16.69
CA PRO A 172 21.30 19.28 -16.53
C PRO A 172 20.29 19.95 -17.45
N GLU A 173 20.67 21.07 -18.09
CA GLU A 173 19.80 21.73 -19.07
C GLU A 173 20.29 21.60 -20.52
N ARG A 174 20.96 20.48 -20.81
CA ARG A 174 21.50 20.24 -22.15
C ARG A 174 20.47 19.72 -23.21
N HIS A 175 19.30 19.28 -22.75
CA HIS A 175 18.45 18.37 -23.55
C HIS A 175 17.84 19.08 -24.73
N GLU A 176 17.74 20.42 -24.64
CA GLU A 176 17.30 21.17 -25.84
C GLU A 176 18.14 20.87 -27.06
N LYS A 177 19.43 20.64 -26.82
CA LYS A 177 20.43 20.32 -27.83
C LYS A 177 20.62 18.80 -28.03
N THR A 178 20.42 17.98 -26.99
CA THR A 178 20.75 16.55 -27.07
C THR A 178 19.54 15.60 -27.22
N ARG A 179 18.32 16.17 -27.34
CA ARG A 179 17.09 15.37 -27.46
C ARG A 179 16.21 15.96 -28.59
N VAL A 180 15.46 15.12 -29.28
CA VAL A 180 14.44 15.65 -30.17
C VAL A 180 13.28 16.28 -29.36
N PRO A 181 12.46 17.13 -29.98
CA PRO A 181 11.30 17.68 -29.26
C PRO A 181 10.37 16.55 -28.75
N LEU A 182 9.74 16.81 -27.61
CA LEU A 182 8.75 15.91 -27.08
C LEU A 182 7.66 15.55 -28.13
N SER A 183 7.22 16.52 -28.92
CA SER A 183 6.16 16.30 -29.91
C SER A 183 6.52 15.23 -30.99
N GLU A 184 7.83 14.94 -31.13
CA GLU A 184 8.28 13.93 -32.07
C GLU A 184 8.18 12.50 -31.53
N ILE A 185 8.06 12.36 -30.22
CA ILE A 185 7.88 11.04 -29.64
C ILE A 185 6.51 10.73 -29.01
N VAL A 186 5.61 11.71 -28.90
CA VAL A 186 4.32 11.56 -28.22
C VAL A 186 3.22 11.90 -29.23
N SER A 187 2.20 11.06 -29.33
CA SER A 187 0.90 11.50 -29.88
C SER A 187 -0.21 11.12 -28.92
N TYR A 188 -1.42 11.63 -29.19
CA TYR A 188 -2.56 11.48 -28.28
C TYR A 188 -3.64 10.64 -28.98
N GLU A 189 -3.99 9.56 -28.32
CA GLU A 189 -5.03 8.61 -28.71
C GLU A 189 -4.74 7.70 -29.91
N THR A 190 -4.19 8.29 -30.96
CA THR A 190 -3.82 7.59 -32.15
C THR A 190 -2.35 7.95 -32.41
N LEU A 191 -1.72 7.27 -33.35
CA LEU A 191 -0.44 7.69 -33.84
C LEU A 191 -0.56 9.07 -34.48
N MSE B 20 11.80 13.99 0.33
CA MSE B 20 11.80 12.56 -0.11
C MSE B 20 12.98 12.22 -1.02
O MSE B 20 13.22 12.88 -2.02
CB MSE B 20 10.51 12.20 -0.87
CG MSE B 20 10.35 10.69 -1.11
SE MSE B 20 8.57 10.14 -1.80
CE MSE B 20 8.51 11.27 -3.39
N ASN B 21 13.68 11.16 -0.67
CA ASN B 21 14.79 10.70 -1.51
C ASN B 21 14.41 9.54 -2.47
N PHE B 22 15.36 9.20 -3.33
CA PHE B 22 15.07 8.19 -4.36
C PHE B 22 14.59 6.84 -3.81
N VAL B 23 15.25 6.31 -2.78
CA VAL B 23 14.83 5.00 -2.29
C VAL B 23 13.43 5.07 -1.72
N GLU B 24 13.06 6.21 -1.12
N GLU B 24 13.01 6.18 -1.12
CA GLU B 24 11.69 6.36 -0.57
CA GLU B 24 11.65 6.22 -0.58
C GLU B 24 10.65 6.33 -1.71
C GLU B 24 10.60 6.33 -1.72
N LEU B 25 10.95 7.06 -2.79
CA LEU B 25 10.11 7.06 -4.00
C LEU B 25 9.98 5.64 -4.58
N ALA B 26 11.11 4.96 -4.73
CA ALA B 26 11.06 3.62 -5.34
C ALA B 26 10.31 2.60 -4.43
N LYS B 27 10.45 2.76 -3.11
N LYS B 27 10.45 2.76 -3.11
CA LYS B 27 9.73 1.92 -2.15
CA LYS B 27 9.74 1.92 -2.13
C LYS B 27 8.24 2.17 -2.16
C LYS B 27 8.24 2.16 -2.15
N LYS B 28 7.85 3.42 -2.29
CA LYS B 28 6.42 3.75 -2.16
C LYS B 28 5.61 3.38 -3.44
N ARG B 29 6.28 3.40 -4.59
CA ARG B 29 5.72 2.80 -5.80
C ARG B 29 5.31 1.34 -5.60
N TYR B 30 4.09 1.02 -5.98
CA TYR B 30 3.58 -0.35 -6.00
C TYR B 30 2.66 -0.46 -7.18
N SER B 31 2.26 -1.68 -7.49
CA SER B 31 1.30 -1.99 -8.55
C SER B 31 -0.15 -1.82 -8.11
N CYS B 32 -0.81 -0.80 -8.68
CA CYS B 32 -2.23 -0.50 -8.35
C CYS B 32 -3.18 -1.08 -9.41
N ARG B 33 -4.18 -1.84 -8.93
CA ARG B 33 -5.12 -2.57 -9.80
C ARG B 33 -6.58 -2.20 -9.53
N ASN B 34 -6.79 -1.08 -8.85
CA ASN B 34 -8.10 -0.53 -8.61
C ASN B 34 -7.98 0.95 -8.45
N TYR B 35 -8.68 1.66 -9.33
CA TYR B 35 -8.46 3.09 -9.50
C TYR B 35 -9.77 3.86 -9.21
N GLN B 36 -9.65 5.09 -8.71
CA GLN B 36 -10.80 6.03 -8.75
C GLN B 36 -11.24 6.35 -10.18
N ASP B 37 -12.45 6.92 -10.28
CA ASP B 37 -12.90 7.51 -11.54
C ASP B 37 -12.11 8.76 -11.92
N ARG B 38 -11.53 9.42 -10.95
CA ARG B 38 -10.83 10.68 -11.17
C ARG B 38 -9.81 10.62 -12.33
N LYS B 39 -9.91 11.59 -13.22
CA LYS B 39 -8.96 11.66 -14.33
C LYS B 39 -7.62 12.24 -13.92
N VAL B 40 -6.60 11.90 -14.70
CA VAL B 40 -5.29 12.50 -14.49
C VAL B 40 -5.23 13.94 -15.08
N GLU B 41 -4.86 14.88 -14.23
CA GLU B 41 -4.76 16.27 -14.65
C GLU B 41 -3.72 16.46 -15.71
N LYS B 42 -4.03 17.30 -16.69
CA LYS B 42 -3.07 17.62 -17.75
C LYS B 42 -1.67 18.00 -17.26
N GLU B 43 -1.59 18.77 -16.18
CA GLU B 43 -0.32 19.28 -15.65
C GLU B 43 0.59 18.12 -15.18
N LYS B 44 -0.06 17.09 -14.61
CA LYS B 44 0.71 15.92 -14.16
C LYS B 44 1.13 15.03 -15.31
N LEU B 45 0.22 14.79 -16.26
CA LEU B 45 0.56 14.04 -17.49
C LEU B 45 1.79 14.66 -18.18
N GLU B 46 1.81 15.99 -18.26
CA GLU B 46 2.91 16.67 -19.01
C GLU B 46 4.24 16.45 -18.33
N LYS B 47 4.24 16.48 -17.00
CA LYS B 47 5.47 16.18 -16.21
C LYS B 47 5.92 14.74 -16.44
N VAL B 48 4.96 13.83 -16.52
CA VAL B 48 5.25 12.41 -16.79
C VAL B 48 5.87 12.27 -18.17
N LEU B 49 5.26 12.89 -19.16
CA LEU B 49 5.83 12.82 -20.50
C LEU B 49 7.23 13.45 -20.56
N ASP B 50 7.45 14.54 -19.81
CA ASP B 50 8.73 15.26 -19.88
C ASP B 50 9.90 14.31 -19.70
N VAL B 51 9.76 13.40 -18.73
CA VAL B 51 10.87 12.48 -18.46
C VAL B 51 11.06 11.40 -19.53
N ALA B 52 10.05 11.14 -20.36
CA ALA B 52 10.28 10.23 -21.48
C ALA B 52 11.32 10.75 -22.47
N ARG B 53 11.38 12.07 -22.60
CA ARG B 53 12.38 12.75 -23.41
C ARG B 53 13.76 12.87 -22.74
N ILE B 54 13.75 13.18 -21.45
N ILE B 54 13.78 13.16 -21.45
CA ILE B 54 14.96 13.33 -20.64
CA ILE B 54 15.03 13.32 -20.70
C ILE B 54 15.79 12.03 -20.58
C ILE B 54 15.82 12.01 -20.54
N ALA B 55 15.11 10.89 -20.46
CA ALA B 55 15.70 9.54 -20.35
C ALA B 55 16.73 9.25 -21.45
N PRO B 56 17.80 8.54 -21.11
CA PRO B 56 18.77 8.14 -22.13
C PRO B 56 18.29 6.93 -22.92
N THR B 57 18.82 6.79 -24.12
CA THR B 57 18.59 5.60 -25.00
C THR B 57 19.91 5.25 -25.64
N GLY B 58 20.07 4.01 -26.06
CA GLY B 58 21.35 3.57 -26.69
C GLY B 58 21.67 4.38 -27.91
N GLY B 59 22.85 4.96 -27.97
CA GLY B 59 23.23 5.79 -29.11
C GLY B 59 22.47 7.11 -29.25
N ASN B 60 21.73 7.50 -28.21
CA ASN B 60 20.77 8.60 -28.34
C ASN B 60 19.84 8.46 -29.54
N ARG B 61 19.50 7.20 -29.86
CA ARG B 61 18.64 6.89 -30.99
C ARG B 61 17.23 7.31 -30.77
N GLN B 62 16.84 7.48 -29.51
CA GLN B 62 15.49 7.90 -29.20
C GLN B 62 14.38 7.23 -30.03
N PRO B 63 14.30 5.89 -29.90
CA PRO B 63 13.33 5.11 -30.69
C PRO B 63 11.92 5.01 -30.09
N GLN B 64 11.72 5.58 -28.91
CA GLN B 64 10.48 5.42 -28.18
C GLN B 64 9.37 6.22 -28.94
N ARG B 65 8.20 5.63 -29.01
CA ARG B 65 7.05 6.27 -29.64
C ARG B 65 5.89 5.95 -28.77
N LEU B 66 5.32 7.02 -28.22
CA LEU B 66 4.34 6.95 -27.15
C LEU B 66 2.97 7.35 -27.68
N ILE B 67 1.93 6.65 -27.22
CA ILE B 67 0.57 7.06 -27.50
C ILE B 67 -0.14 7.23 -26.18
N VAL B 68 -0.51 8.47 -25.87
CA VAL B 68 -1.20 8.80 -24.62
C VAL B 68 -2.67 8.46 -24.86
N ILE B 69 -3.28 7.68 -23.97
CA ILE B 69 -4.65 7.13 -24.11
C ILE B 69 -5.44 7.50 -22.87
N GLN B 70 -6.39 8.43 -23.03
CA GLN B 70 -7.19 8.89 -21.88
C GLN B 70 -8.66 9.05 -22.31
N GLU B 71 -8.98 8.65 -23.54
CA GLU B 71 -10.34 8.75 -24.06
C GLU B 71 -10.98 7.40 -24.29
N LYS B 72 -12.31 7.39 -24.44
CA LYS B 72 -13.06 6.14 -24.39
C LYS B 72 -12.66 5.07 -25.39
N GLU B 73 -12.55 5.46 -26.66
N GLU B 73 -12.56 5.45 -26.67
CA GLU B 73 -12.25 4.51 -27.72
CA GLU B 73 -12.25 4.49 -27.74
C GLU B 73 -10.90 3.84 -27.48
C GLU B 73 -10.89 3.83 -27.52
N GLY B 74 -9.89 4.63 -27.18
CA GLY B 74 -8.53 4.11 -26.91
C GLY B 74 -8.44 3.21 -25.67
N ILE B 75 -9.16 3.59 -24.60
CA ILE B 75 -9.21 2.78 -23.39
C ILE B 75 -9.92 1.46 -23.70
N ASN B 76 -10.98 1.54 -24.49
CA ASN B 76 -11.69 0.30 -24.92
C ASN B 76 -10.84 -0.59 -25.83
N LYS B 77 -10.01 0.00 -26.67
CA LYS B 77 -9.06 -0.74 -27.50
C LYS B 77 -8.05 -1.49 -26.65
N LEU B 78 -7.47 -0.82 -25.67
CA LEU B 78 -6.55 -1.47 -24.73
C LEU B 78 -7.22 -2.64 -24.02
N SER B 79 -8.47 -2.45 -23.59
N SER B 79 -8.47 -2.46 -23.60
CA SER B 79 -9.19 -3.48 -22.83
CA SER B 79 -9.14 -3.49 -22.81
C SER B 79 -9.43 -4.74 -23.67
C SER B 79 -9.54 -4.71 -23.66
N LYS B 80 -9.51 -4.57 -24.99
CA LYS B 80 -9.63 -5.74 -25.91
C LYS B 80 -8.37 -6.62 -25.83
N ALA B 81 -7.22 -5.98 -25.55
CA ALA B 81 -5.93 -6.62 -25.51
C ALA B 81 -5.44 -7.01 -24.13
N ALA B 82 -5.93 -6.39 -23.06
CA ALA B 82 -5.33 -6.56 -21.74
C ALA B 82 -6.34 -6.18 -20.67
N ASN B 83 -6.08 -6.59 -19.44
CA ASN B 83 -6.78 -6.11 -18.27
C ASN B 83 -6.10 -4.81 -17.82
N ILE B 84 -6.77 -3.69 -18.06
N ILE B 84 -6.79 -3.71 -18.03
CA ILE B 84 -6.24 -2.37 -17.66
CA ILE B 84 -6.29 -2.36 -17.69
C ILE B 84 -6.95 -1.78 -16.46
C ILE B 84 -6.93 -1.79 -16.44
N TYR B 85 -7.71 -2.61 -15.73
CA TYR B 85 -8.21 -2.24 -14.40
C TYR B 85 -8.98 -0.91 -14.32
N ASP B 86 -9.69 -0.58 -15.39
CA ASP B 86 -10.42 0.65 -15.50
C ASP B 86 -9.57 1.88 -15.18
N ALA B 87 -8.27 1.79 -15.44
CA ALA B 87 -7.40 2.96 -15.24
C ALA B 87 -7.86 4.14 -16.11
N PRO B 88 -7.78 5.40 -15.59
CA PRO B 88 -8.19 6.58 -16.37
C PRO B 88 -7.17 7.05 -17.39
N LEU B 89 -5.92 6.58 -17.27
N LEU B 89 -5.94 6.54 -17.30
CA LEU B 89 -4.86 6.99 -18.23
CA LEU B 89 -4.87 6.95 -18.21
C LEU B 89 -3.91 5.83 -18.51
C LEU B 89 -3.99 5.74 -18.55
N ALA B 90 -3.55 5.67 -19.79
CA ALA B 90 -2.59 4.70 -20.22
C ALA B 90 -1.63 5.38 -21.19
N ILE B 91 -0.36 5.02 -21.10
CA ILE B 91 0.58 5.34 -22.19
C ILE B 91 1.06 3.99 -22.81
N LEU B 92 0.78 3.83 -24.11
CA LEU B 92 1.30 2.73 -24.90
C LEU B 92 2.68 3.16 -25.35
N VAL B 93 3.69 2.44 -24.88
CA VAL B 93 5.06 2.71 -25.25
C VAL B 93 5.57 1.74 -26.32
N CYS B 94 5.75 2.27 -27.51
CA CYS B 94 6.31 1.47 -28.65
C CYS B 94 7.81 1.80 -28.84
N GLY B 95 8.47 0.88 -29.47
CA GLY B 95 9.86 1.04 -29.95
C GLY B 95 9.92 1.03 -31.48
N ASP B 96 10.66 1.98 -32.07
CA ASP B 96 10.85 2.11 -33.51
C ASP B 96 12.10 1.34 -33.96
N LYS B 97 11.83 0.20 -34.59
CA LYS B 97 12.86 -0.68 -35.09
C LYS B 97 13.67 0.02 -36.21
N ASP B 98 13.16 1.11 -36.79
CA ASP B 98 13.92 1.85 -37.80
C ASP B 98 14.91 2.82 -37.20
N LYS B 99 14.81 3.05 -35.90
CA LYS B 99 15.72 3.94 -35.20
C LYS B 99 16.63 3.26 -34.19
N VAL B 100 16.13 2.23 -33.54
CA VAL B 100 16.84 1.58 -32.44
C VAL B 100 18.18 0.96 -32.89
N TRP B 101 19.17 0.90 -31.99
CA TRP B 101 20.38 0.17 -32.39
C TRP B 101 20.12 -1.35 -32.46
N THR B 102 20.67 -1.97 -33.54
CA THR B 102 20.83 -3.42 -33.60
C THR B 102 22.33 -3.76 -33.43
N ARG B 103 22.66 -4.51 -32.39
CA ARG B 103 24.02 -4.92 -32.15
C ARG B 103 24.48 -5.95 -33.25
N PRO B 104 25.51 -5.56 -34.04
CA PRO B 104 25.97 -6.44 -35.12
C PRO B 104 26.44 -7.82 -34.68
N PHE B 105 27.08 -7.92 -33.51
CA PHE B 105 27.63 -9.21 -33.11
C PHE B 105 26.61 -10.33 -33.09
N ASP B 106 25.46 -10.05 -32.50
CA ASP B 106 24.42 -11.04 -32.34
C ASP B 106 23.04 -10.67 -32.86
N GLY B 107 22.88 -9.50 -33.50
CA GLY B 107 21.57 -9.09 -33.98
C GLY B 107 20.57 -8.64 -32.92
N LYS B 108 21.03 -8.43 -31.68
N LYS B 108 21.05 -8.44 -31.70
CA LYS B 108 20.13 -8.09 -30.61
CA LYS B 108 20.20 -8.03 -30.60
C LYS B 108 19.80 -6.60 -30.69
C LYS B 108 19.79 -6.57 -30.82
N GLN B 109 18.51 -6.27 -30.69
CA GLN B 109 18.08 -4.86 -30.77
C GLN B 109 17.79 -4.33 -29.39
N LEU B 110 17.95 -3.02 -29.22
N LEU B 110 17.96 -3.02 -29.22
CA LEU B 110 17.74 -2.39 -27.93
CA LEU B 110 17.74 -2.38 -27.93
C LEU B 110 16.30 -2.02 -27.62
C LEU B 110 16.31 -1.91 -27.69
N THR B 111 15.38 -2.44 -28.48
CA THR B 111 14.01 -2.01 -28.44
C THR B 111 13.38 -2.06 -27.05
N ASP B 112 13.50 -3.20 -26.37
CA ASP B 112 12.91 -3.35 -25.02
C ASP B 112 13.67 -2.53 -23.95
N ILE B 113 14.98 -2.43 -24.13
CA ILE B 113 15.81 -1.71 -23.18
C ILE B 113 15.49 -0.21 -23.18
N ASP B 114 15.60 0.40 -24.35
CA ASP B 114 15.42 1.84 -24.51
C ASP B 114 14.00 2.19 -24.05
N THR B 115 12.98 1.42 -24.51
CA THR B 115 11.60 1.73 -24.11
C THR B 115 11.37 1.55 -22.63
N SER B 116 12.07 0.59 -22.04
CA SER B 116 11.85 0.30 -20.60
C SER B 116 12.48 1.33 -19.70
N ILE B 117 13.59 1.93 -20.16
CA ILE B 117 14.19 3.09 -19.42
C ILE B 117 13.21 4.22 -19.40
N VAL B 118 12.62 4.48 -20.57
CA VAL B 118 11.63 5.54 -20.72
C VAL B 118 10.44 5.30 -19.83
N THR B 119 9.93 4.08 -19.91
CA THR B 119 8.71 3.74 -19.14
C THR B 119 9.00 3.78 -17.62
N ASP B 120 10.13 3.25 -17.18
CA ASP B 120 10.54 3.37 -15.77
C ASP B 120 10.61 4.81 -15.29
N HIS B 121 11.25 5.69 -16.07
CA HIS B 121 11.30 7.11 -15.71
C HIS B 121 9.89 7.68 -15.50
N MSE B 122 9.01 7.37 -16.45
CA MSE B 122 7.60 7.82 -16.40
C MSE B 122 6.92 7.31 -15.15
O MSE B 122 6.17 8.02 -14.48
CB MSE B 122 6.80 7.47 -17.67
CG MSE B 122 7.27 8.19 -18.86
SE MSE B 122 5.96 8.24 -20.26
CE MSE B 122 6.01 6.31 -20.66
N MSE B 123 7.10 6.02 -14.85
CA MSE B 123 6.42 5.41 -13.69
C MSE B 123 6.91 6.07 -12.37
O MSE B 123 6.12 6.35 -11.50
CB MSE B 123 6.66 3.89 -13.74
CG MSE B 123 6.14 3.21 -12.48
SE MSE B 123 6.34 1.24 -12.69
CE MSE B 123 8.26 0.98 -12.54
N LEU B 124 8.24 6.31 -12.23
CA LEU B 124 8.81 6.98 -11.04
C LEU B 124 8.29 8.41 -10.94
N GLN B 125 8.23 9.09 -12.06
CA GLN B 125 7.72 10.48 -12.06
C GLN B 125 6.22 10.47 -11.65
N ALA B 126 5.44 9.59 -12.24
CA ALA B 126 4.02 9.47 -11.84
C ALA B 126 3.90 9.29 -10.34
N THR B 127 4.70 8.40 -9.78
CA THR B 127 4.63 8.12 -8.33
C THR B 127 4.91 9.38 -7.48
N GLU B 128 5.86 10.21 -7.90
CA GLU B 128 6.20 11.44 -7.17
C GLU B 128 5.00 12.42 -7.14
N LEU B 129 4.21 12.42 -8.21
CA LEU B 129 3.08 13.31 -8.38
C LEU B 129 1.78 12.79 -7.74
N GLY B 130 1.88 11.67 -7.04
CA GLY B 130 0.79 11.11 -6.30
C GLY B 130 -0.10 10.20 -7.13
N LEU B 131 0.37 9.83 -8.33
N LEU B 131 0.36 9.82 -8.33
CA LEU B 131 -0.35 8.92 -9.21
CA LEU B 131 -0.36 8.91 -9.22
C LEU B 131 0.02 7.48 -8.94
C LEU B 131 0.02 7.47 -8.92
N ALA B 132 -0.99 6.67 -8.70
CA ALA B 132 -0.83 5.24 -8.65
C ALA B 132 -0.60 4.75 -10.08
N SER B 133 -0.01 3.58 -10.19
CA SER B 133 0.29 3.02 -11.52
C SER B 133 0.43 1.53 -11.49
N VAL B 134 0.39 0.99 -12.68
CA VAL B 134 0.84 -0.42 -12.91
C VAL B 134 1.45 -0.49 -14.32
N TRP B 135 2.60 -1.15 -14.42
CA TRP B 135 3.22 -1.53 -15.69
C TRP B 135 2.54 -2.79 -16.21
N VAL B 136 2.18 -2.78 -17.47
CA VAL B 136 1.52 -3.95 -18.09
C VAL B 136 2.20 -4.42 -19.37
N CYS B 137 2.63 -5.70 -19.32
CA CYS B 137 3.11 -6.39 -20.53
C CYS B 137 2.24 -7.57 -20.93
N TYR B 138 1.27 -7.91 -20.11
CA TYR B 138 0.42 -9.06 -20.44
C TYR B 138 -0.70 -8.55 -21.33
N PHE B 139 -0.34 -8.24 -22.56
CA PHE B 139 -1.33 -7.80 -23.56
C PHE B 139 -1.15 -8.59 -24.85
N ASN B 140 -2.23 -8.68 -25.61
CA ASN B 140 -2.19 -9.30 -26.94
C ASN B 140 -1.62 -8.33 -27.94
N PRO B 141 -0.38 -8.57 -28.41
CA PRO B 141 0.27 -7.55 -29.25
C PRO B 141 -0.37 -7.40 -30.64
N ASP B 142 -0.97 -8.47 -31.13
CA ASP B 142 -1.65 -8.41 -32.44
C ASP B 142 -2.89 -7.56 -32.36
N ILE B 143 -3.62 -7.63 -31.25
CA ILE B 143 -4.79 -6.78 -31.02
C ILE B 143 -4.33 -5.30 -30.93
N ILE B 144 -3.27 -5.04 -30.15
CA ILE B 144 -2.72 -3.70 -30.07
C ILE B 144 -2.33 -3.16 -31.44
N ARG B 145 -1.61 -3.98 -32.21
N ARG B 145 -1.62 -3.97 -32.21
CA ARG B 145 -1.17 -3.59 -33.55
CA ARG B 145 -1.18 -3.57 -33.55
C ARG B 145 -2.36 -3.22 -34.44
C ARG B 145 -2.34 -3.25 -34.48
N GLU B 146 -3.37 -4.10 -34.47
CA GLU B 146 -4.55 -3.89 -35.27
C GLU B 146 -5.35 -2.67 -34.85
N GLU B 147 -5.67 -2.62 -33.57
CA GLU B 147 -6.52 -1.55 -33.04
C GLU B 147 -5.91 -0.14 -33.17
N PHE B 148 -4.58 -0.01 -33.05
CA PHE B 148 -3.90 1.29 -33.15
C PHE B 148 -3.22 1.50 -34.52
N SER B 149 -3.51 0.61 -35.46
CA SER B 149 -2.93 0.65 -36.80
C SER B 149 -1.43 0.91 -36.77
N LEU B 150 -0.71 0.15 -35.95
CA LEU B 150 0.72 0.37 -35.85
C LEU B 150 1.34 -0.15 -37.13
N PRO B 151 2.27 0.63 -37.69
CA PRO B 151 3.07 0.12 -38.82
C PRO B 151 4.09 -0.92 -38.38
N ASP B 152 4.64 -1.71 -39.30
CA ASP B 152 5.52 -2.81 -38.92
C ASP B 152 6.80 -2.40 -38.15
N ASN B 153 7.26 -1.17 -38.38
CA ASN B 153 8.45 -0.67 -37.67
C ASN B 153 8.21 -0.35 -36.21
N LEU B 154 6.96 -0.21 -35.82
CA LEU B 154 6.67 0.09 -34.42
C LEU B 154 6.21 -1.15 -33.66
N GLU B 155 6.95 -1.54 -32.63
CA GLU B 155 6.59 -2.67 -31.77
C GLU B 155 6.07 -2.15 -30.45
N PRO B 156 4.86 -2.62 -30.05
CA PRO B 156 4.32 -2.19 -28.77
C PRO B 156 5.05 -2.97 -27.67
N ILE B 157 5.61 -2.26 -26.70
CA ILE B 157 6.44 -2.87 -25.67
C ILE B 157 5.75 -2.92 -24.30
N ASN B 158 5.43 -1.75 -23.78
CA ASN B 158 4.88 -1.59 -22.45
C ASN B 158 3.60 -0.74 -22.52
N ILE B 159 2.64 -1.08 -21.65
CA ILE B 159 1.50 -0.20 -21.41
C ILE B 159 1.66 0.28 -19.94
N LEU B 160 1.86 1.57 -19.70
CA LEU B 160 1.87 2.11 -18.37
C LEU B 160 0.53 2.71 -18.01
N LEU B 161 -0.09 2.16 -16.97
CA LEU B 161 -1.37 2.63 -16.48
C LEU B 161 -1.19 3.55 -15.28
N MSE B 162 -1.97 4.62 -15.22
N MSE B 162 -2.01 4.59 -15.19
CA MSE B 162 -1.88 5.60 -14.14
CA MSE B 162 -1.90 5.55 -14.12
C MSE B 162 -3.26 6.06 -13.71
C MSE B 162 -3.25 6.14 -13.75
O MSE B 162 -4.22 5.95 -14.48
O MSE B 162 -4.16 6.20 -14.56
CB MSE B 162 -1.09 6.84 -14.54
CB MSE B 162 -0.92 6.68 -14.46
CG MSE B 162 0.41 6.68 -14.48
CG MSE B 162 0.43 6.16 -15.00
SE MSE B 162 1.21 8.07 -15.64
SE MSE B 162 1.60 7.58 -15.74
CE MSE B 162 0.99 7.15 -17.39
CE MSE B 162 0.35 8.95 -15.96
N GLY B 163 -3.34 6.60 -12.52
CA GLY B 163 -4.54 7.21 -12.03
C GLY B 163 -4.40 7.41 -10.54
N TYR B 164 -5.54 7.44 -9.85
CA TYR B 164 -5.60 7.63 -8.44
C TYR B 164 -6.09 6.35 -7.80
N GLU B 165 -5.39 5.88 -6.77
CA GLU B 165 -5.72 4.62 -6.15
C GLU B 165 -7.04 4.69 -5.40
N SER B 166 -7.78 3.59 -5.44
CA SER B 166 -9.05 3.51 -4.73
C SER B 166 -8.95 3.32 -3.23
N LYS B 167 -7.87 2.71 -2.78
CA LYS B 167 -7.75 2.34 -1.38
C LYS B 167 -6.31 2.58 -0.94
N ILE B 168 -6.02 2.22 0.29
CA ILE B 168 -4.76 2.55 0.90
C ILE B 168 -3.63 1.88 0.11
N PRO B 169 -2.53 2.63 -0.16
CA PRO B 169 -1.44 2.06 -0.94
C PRO B 169 -0.72 0.92 -0.20
N GLU B 170 0.00 0.06 -0.90
CA GLU B 170 0.79 -0.96 -0.27
C GLU B 170 1.96 -0.38 0.50
N SER B 171 2.42 -1.11 1.53
CA SER B 171 3.38 -0.51 2.42
C SER B 171 4.72 -0.27 1.68
N PRO B 172 5.33 0.88 1.92
CA PRO B 172 6.73 1.02 1.47
C PRO B 172 7.73 0.06 2.08
N GLU B 173 7.38 -0.59 3.19
CA GLU B 173 8.30 -1.45 3.90
C GLU B 173 7.96 -2.92 3.63
N ARG B 174 7.17 -3.19 2.58
CA ARG B 174 6.71 -4.55 2.28
C ARG B 174 7.72 -5.49 1.67
N HIS B 175 8.83 -4.93 1.20
CA HIS B 175 9.74 -5.68 0.35
C HIS B 175 10.40 -6.86 1.06
N GLU B 176 10.49 -6.78 2.39
CA GLU B 176 10.96 -7.93 3.19
C GLU B 176 10.12 -9.15 2.88
N LYS B 177 8.84 -8.97 2.56
CA LYS B 177 7.98 -10.08 2.19
C LYS B 177 7.77 -10.29 0.69
N THR B 178 7.85 -9.21 -0.08
CA THR B 178 7.42 -9.28 -1.45
C THR B 178 8.58 -9.40 -2.39
N ARG B 179 9.81 -9.49 -1.83
CA ARG B 179 11.03 -9.66 -2.63
C ARG B 179 11.90 -10.76 -2.00
N VAL B 180 12.67 -11.44 -2.84
CA VAL B 180 13.72 -12.37 -2.31
C VAL B 180 14.84 -11.53 -1.67
N PRO B 181 15.63 -12.15 -0.77
CA PRO B 181 16.76 -11.47 -0.24
C PRO B 181 17.72 -10.97 -1.34
N LEU B 182 18.33 -9.83 -1.06
CA LEU B 182 19.32 -9.24 -1.98
C LEU B 182 20.42 -10.26 -2.32
N SER B 183 20.80 -11.05 -1.32
CA SER B 183 21.79 -12.11 -1.54
C SER B 183 21.48 -13.12 -2.66
N GLU B 184 20.18 -13.34 -3.02
CA GLU B 184 19.83 -14.23 -4.08
C GLU B 184 19.93 -13.60 -5.47
N ILE B 185 20.04 -12.26 -5.55
CA ILE B 185 20.21 -11.62 -6.85
C ILE B 185 21.59 -10.99 -7.11
N VAL B 186 22.44 -10.89 -6.08
CA VAL B 186 23.74 -10.21 -6.14
C VAL B 186 24.85 -11.16 -5.77
N SER B 187 25.90 -11.18 -6.59
CA SER B 187 27.16 -11.76 -6.15
C SER B 187 28.30 -10.78 -6.50
N TYR B 188 29.48 -11.04 -5.98
CA TYR B 188 30.59 -10.12 -6.09
C TYR B 188 31.69 -10.78 -6.88
N GLU B 189 32.07 -10.11 -7.96
CA GLU B 189 33.19 -10.46 -8.88
C GLU B 189 32.97 -11.63 -9.81
N THR B 190 32.42 -12.72 -9.26
CA THR B 190 32.10 -13.91 -9.99
C THR B 190 30.65 -14.22 -9.64
N LEU B 191 30.04 -15.13 -10.38
CA LEU B 191 28.77 -15.72 -9.94
C LEU B 191 28.88 -16.36 -8.55
N MSE C 20 -27.53 -17.82 20.32
CA MSE C 20 -27.09 -16.38 20.49
C MSE C 20 -26.73 -15.71 19.15
O MSE C 20 -25.84 -16.16 18.43
CB MSE C 20 -25.90 -16.25 21.46
CG MSE C 20 -25.43 -14.79 21.70
SE MSE C 20 -25.20 -14.26 23.61
CE MSE C 20 -23.34 -14.79 23.97
N ASN C 21 -27.42 -14.62 18.85
CA ASN C 21 -27.06 -13.80 17.70
C ASN C 21 -26.19 -12.57 18.09
N PHE C 22 -25.71 -11.87 17.09
CA PHE C 22 -24.83 -10.74 17.32
C PHE C 22 -25.45 -9.67 18.25
N VAL C 23 -26.72 -9.31 18.01
CA VAL C 23 -27.30 -8.24 18.79
C VAL C 23 -27.41 -8.65 20.24
N GLU C 24 -27.67 -9.93 20.52
CA GLU C 24 -27.76 -10.40 21.93
C GLU C 24 -26.38 -10.37 22.64
N LEU C 25 -25.32 -10.71 21.88
CA LEU C 25 -23.94 -10.59 22.35
C LEU C 25 -23.60 -9.12 22.68
N ALA C 26 -23.90 -8.23 21.76
CA ALA C 26 -23.57 -6.82 21.95
C ALA C 26 -24.38 -6.19 23.11
N LYS C 27 -25.65 -6.58 23.25
CA LYS C 27 -26.50 -6.13 24.34
C LYS C 27 -26.02 -6.66 25.67
N LYS C 28 -25.57 -7.90 25.70
CA LYS C 28 -25.21 -8.49 27.02
C LYS C 28 -23.85 -7.99 27.52
N ARG C 29 -22.98 -7.57 26.58
CA ARG C 29 -21.74 -6.90 27.01
C ARG C 29 -22.06 -5.63 27.78
N TYR C 30 -21.45 -5.46 28.93
CA TYR C 30 -21.47 -4.22 29.72
C TYR C 30 -20.11 -4.01 30.34
N SER C 31 -19.89 -2.86 30.95
CA SER C 31 -18.63 -2.51 31.61
C SER C 31 -18.66 -3.02 33.04
N CYS C 32 -17.76 -3.96 33.32
CA CYS C 32 -17.64 -4.55 34.66
C CYS C 32 -16.47 -3.86 35.44
N ARG C 33 -16.73 -3.44 36.68
CA ARG C 33 -15.76 -2.75 37.49
C ARG C 33 -15.54 -3.40 38.86
N ASN C 34 -15.94 -4.67 38.94
CA ASN C 34 -15.70 -5.45 40.13
C ASN C 34 -15.62 -6.89 39.73
N TYR C 35 -14.48 -7.50 40.04
CA TYR C 35 -14.13 -8.78 39.43
C TYR C 35 -13.87 -9.84 40.51
N GLN C 36 -14.14 -11.11 40.22
CA GLN C 36 -13.66 -12.16 41.12
C GLN C 36 -12.12 -12.27 41.14
N ASP C 37 -11.60 -13.06 42.07
CA ASP C 37 -10.16 -13.40 42.07
C ASP C 37 -9.78 -14.33 40.91
N ARG C 38 -10.75 -15.11 40.48
CA ARG C 38 -10.53 -16.13 39.43
C ARG C 38 -9.76 -15.62 38.20
N LYS C 39 -8.70 -16.31 37.86
CA LYS C 39 -7.90 -15.97 36.68
C LYS C 39 -8.60 -16.36 35.40
N VAL C 40 -8.22 -15.70 34.30
CA VAL C 40 -8.74 -16.06 33.01
C VAL C 40 -7.97 -17.28 32.51
N GLU C 41 -8.70 -18.33 32.13
CA GLU C 41 -8.08 -19.55 31.62
C GLU C 41 -7.31 -19.29 30.32
N LYS C 42 -6.14 -19.91 30.17
CA LYS C 42 -5.36 -19.82 28.93
C LYS C 42 -6.18 -20.06 27.66
N GLU C 43 -7.07 -21.05 27.71
CA GLU C 43 -7.83 -21.44 26.55
C GLU C 43 -8.75 -20.30 26.06
N LYS C 44 -9.29 -19.55 27.02
CA LYS C 44 -10.14 -18.41 26.69
C LYS C 44 -9.30 -17.23 26.20
N LEU C 45 -8.17 -16.98 26.83
CA LEU C 45 -7.26 -15.90 26.40
C LEU C 45 -6.89 -16.11 24.91
N GLU C 46 -6.53 -17.34 24.57
CA GLU C 46 -6.10 -17.64 23.21
C GLU C 46 -7.18 -17.35 22.20
N LYS C 47 -8.45 -17.64 22.50
CA LYS C 47 -9.55 -17.31 21.57
C LYS C 47 -9.70 -15.80 21.46
N VAL C 48 -9.51 -15.08 22.57
CA VAL C 48 -9.58 -13.61 22.57
C VAL C 48 -8.48 -13.07 21.67
N LEU C 49 -7.27 -13.55 21.85
CA LEU C 49 -6.14 -13.08 21.01
C LEU C 49 -6.39 -13.43 19.55
N ASP C 50 -6.98 -14.59 19.27
CA ASP C 50 -7.15 -15.01 17.87
C ASP C 50 -7.86 -13.97 17.04
N VAL C 51 -8.89 -13.35 17.61
CA VAL C 51 -9.61 -12.36 16.83
C VAL C 51 -8.89 -11.01 16.63
N ALA C 52 -7.87 -10.75 17.44
CA ALA C 52 -7.03 -9.58 17.21
C ALA C 52 -6.33 -9.68 15.89
N ARG C 53 -5.97 -10.90 15.49
CA ARG C 53 -5.38 -11.16 14.17
C ARG C 53 -6.36 -11.20 13.01
N ILE C 54 -7.54 -11.77 13.25
N ILE C 54 -7.54 -11.78 13.24
CA ILE C 54 -8.59 -11.88 12.22
CA ILE C 54 -8.61 -11.86 12.23
C ILE C 54 -9.17 -10.51 11.79
C ILE C 54 -9.16 -10.50 11.78
N ALA C 55 -9.24 -9.57 12.73
CA ALA C 55 -9.75 -8.20 12.50
C ALA C 55 -9.05 -7.52 11.34
N PRO C 56 -9.81 -6.72 10.59
CA PRO C 56 -9.22 -5.91 9.51
C PRO C 56 -8.59 -4.64 10.05
N THR C 57 -7.65 -4.09 9.28
CA THR C 57 -6.94 -2.86 9.60
C THR C 57 -6.76 -2.13 8.30
N GLY C 58 -6.64 -0.82 8.31
CA GLY C 58 -6.46 -0.03 7.06
C GLY C 58 -5.26 -0.49 6.25
N GLY C 59 -5.50 -0.85 5.01
CA GLY C 59 -4.36 -1.22 4.11
C GLY C 59 -3.80 -2.59 4.50
N ASN C 60 -4.51 -3.31 5.39
CA ASN C 60 -3.95 -4.55 6.03
C ASN C 60 -2.56 -4.30 6.62
N ARG C 61 -2.37 -3.10 7.18
CA ARG C 61 -1.10 -2.68 7.76
C ARG C 61 -0.81 -3.36 9.07
N GLN C 62 -1.86 -3.85 9.74
CA GLN C 62 -1.71 -4.59 10.95
C GLN C 62 -0.72 -3.97 11.96
N PRO C 63 -1.01 -2.71 12.39
CA PRO C 63 -0.12 -1.96 13.27
C PRO C 63 -0.28 -2.25 14.79
N GLN C 64 -1.21 -3.13 15.10
CA GLN C 64 -1.56 -3.39 16.52
C GLN C 64 -0.40 -4.19 17.16
N ARG C 65 -0.11 -3.87 18.40
CA ARG C 65 0.93 -4.54 19.16
C ARG C 65 0.39 -4.65 20.54
N LEU C 66 0.24 -5.88 20.98
CA LEU C 66 -0.47 -6.17 22.20
C LEU C 66 0.47 -6.68 23.27
N ILE C 67 0.24 -6.29 24.52
CA ILE C 67 0.96 -6.89 25.64
C ILE C 67 -0.06 -7.50 26.58
N VAL C 68 -0.02 -8.81 26.68
CA VAL C 68 -0.92 -9.54 27.57
C VAL C 68 -0.33 -9.44 28.98
N ILE C 69 -1.11 -8.91 29.94
CA ILE C 69 -0.63 -8.70 31.32
C ILE C 69 -1.53 -9.47 32.30
N GLN C 70 -0.93 -10.46 32.97
CA GLN C 70 -1.67 -11.25 33.96
C GLN C 70 -0.83 -11.57 35.21
N GLU C 71 0.42 -11.11 35.22
CA GLU C 71 1.30 -11.30 36.40
C GLU C 71 1.43 -10.04 37.24
N LYS C 72 1.87 -10.21 38.47
CA LYS C 72 1.84 -9.13 39.48
C LYS C 72 2.57 -7.87 39.09
N GLU C 73 3.80 -8.03 38.62
CA GLU C 73 4.62 -6.88 38.23
C GLU C 73 3.87 -6.02 37.21
N GLY C 74 3.39 -6.65 36.14
CA GLY C 74 2.70 -5.93 35.06
C GLY C 74 1.37 -5.32 35.47
N ILE C 75 0.58 -6.07 36.25
CA ILE C 75 -0.67 -5.57 36.78
C ILE C 75 -0.45 -4.34 37.67
N ASN C 76 0.58 -4.41 38.53
CA ASN C 76 0.90 -3.28 39.43
C ASN C 76 1.38 -2.08 38.61
N LYS C 77 2.12 -2.33 37.53
CA LYS C 77 2.51 -1.24 36.62
C LYS C 77 1.31 -0.53 36.01
N LEU C 78 0.34 -1.30 35.54
CA LEU C 78 -0.91 -0.71 35.06
C LEU C 78 -1.63 0.12 36.10
N SER C 79 -1.71 -0.38 37.34
N SER C 79 -1.71 -0.37 37.34
CA SER C 79 -2.45 0.33 38.38
CA SER C 79 -2.45 0.35 38.37
C SER C 79 -1.77 1.67 38.72
C SER C 79 -1.76 1.66 38.78
N LYS C 80 -0.48 1.81 38.41
CA LYS C 80 0.20 3.10 38.55
C LYS C 80 -0.38 4.17 37.62
N ALA C 81 -0.89 3.72 36.47
CA ALA C 81 -1.39 4.56 35.38
C ALA C 81 -2.92 4.68 35.31
N ALA C 82 -3.65 3.76 35.92
CA ALA C 82 -5.11 3.71 35.73
C ALA C 82 -5.72 2.94 36.88
N ASN C 83 -7.04 3.06 37.01
CA ASN C 83 -7.84 2.19 37.87
C ASN C 83 -8.26 0.97 37.01
N ILE C 84 -7.70 -0.18 37.33
N ILE C 84 -7.71 -0.18 37.37
CA ILE C 84 -8.02 -1.39 36.58
CA ILE C 84 -7.94 -1.42 36.62
C ILE C 84 -8.85 -2.36 37.41
C ILE C 84 -8.86 -2.36 37.40
N TYR C 85 -9.42 -1.86 38.52
CA TYR C 85 -10.48 -2.59 39.26
C TYR C 85 -10.10 -3.99 39.71
N ASP C 86 -8.83 -4.18 40.03
CA ASP C 86 -8.28 -5.50 40.34
C ASP C 86 -8.68 -6.61 39.34
N ALA C 87 -8.81 -6.25 38.06
CA ALA C 87 -9.06 -7.25 37.00
C ALA C 87 -7.87 -8.25 36.94
N PRO C 88 -8.15 -9.54 36.71
CA PRO C 88 -7.08 -10.56 36.66
C PRO C 88 -6.34 -10.59 35.33
N LEU C 89 -6.86 -9.93 34.31
N LEU C 89 -6.88 -9.93 34.31
CA LEU C 89 -6.19 -9.92 33.01
CA LEU C 89 -6.29 -9.92 32.98
C LEU C 89 -6.41 -8.61 32.30
C LEU C 89 -6.40 -8.51 32.40
N ALA C 90 -5.33 -8.07 31.74
CA ALA C 90 -5.38 -6.89 30.94
C ALA C 90 -4.65 -7.14 29.66
N ILE C 91 -5.15 -6.52 28.58
CA ILE C 91 -4.38 -6.44 27.32
C ILE C 91 -4.15 -4.96 26.98
N LEU C 92 -2.86 -4.53 26.94
CA LEU C 92 -2.49 -3.20 26.54
C LEU C 92 -2.35 -3.22 25.02
N VAL C 93 -3.21 -2.46 24.37
CA VAL C 93 -3.24 -2.38 22.92
C VAL C 93 -2.55 -1.10 22.44
N CYS C 94 -1.42 -1.31 21.79
CA CYS C 94 -0.65 -0.21 21.22
C CYS C 94 -0.83 -0.19 19.69
N GLY C 95 -0.58 0.96 19.10
CA GLY C 95 -0.55 1.13 17.65
C GLY C 95 0.88 1.48 17.20
N ASP C 96 1.39 0.81 16.16
CA ASP C 96 2.74 1.07 15.63
C ASP C 96 2.66 2.13 14.52
N LYS C 97 3.15 3.34 14.85
CA LYS C 97 3.17 4.45 13.94
C LYS C 97 4.08 4.20 12.74
N ASP C 98 5.00 3.25 12.84
CA ASP C 98 5.86 2.90 11.69
C ASP C 98 5.15 2.01 10.67
N LYS C 99 3.98 1.50 11.02
CA LYS C 99 3.21 0.61 10.15
C LYS C 99 1.88 1.18 9.70
N VAL C 100 1.23 1.89 10.59
CA VAL C 100 -0.12 2.41 10.35
C VAL C 100 -0.17 3.33 9.12
N TRP C 101 -1.29 3.39 8.40
CA TRP C 101 -1.41 4.41 7.33
C TRP C 101 -1.54 5.84 7.92
N THR C 102 -0.81 6.78 7.34
CA THR C 102 -1.07 8.22 7.49
C THR C 102 -1.70 8.78 6.19
N ARG C 103 -2.90 9.32 6.29
CA ARG C 103 -3.59 9.86 5.14
C ARG C 103 -2.87 11.17 4.67
N PRO C 104 -2.31 11.15 3.46
CA PRO C 104 -1.59 12.31 2.96
C PRO C 104 -2.41 13.61 2.92
N PHE C 105 -3.70 13.52 2.62
CA PHE C 105 -4.49 14.74 2.45
C PHE C 105 -4.40 15.66 3.66
N ASP C 106 -4.57 15.07 4.84
CA ASP C 106 -4.66 15.83 6.07
C ASP C 106 -3.72 15.37 7.18
N GLY C 107 -2.87 14.38 6.92
CA GLY C 107 -1.97 13.86 7.95
C GLY C 107 -2.62 12.99 9.05
N LYS C 108 -3.88 12.60 8.88
N LYS C 108 -3.90 12.62 8.89
CA LYS C 108 -4.59 11.83 9.89
CA LYS C 108 -4.57 11.78 9.86
C LYS C 108 -4.16 10.35 9.87
C LYS C 108 -3.96 10.38 9.85
N GLN C 109 -3.69 9.81 11.01
CA GLN C 109 -3.24 8.41 11.07
C GLN C 109 -4.33 7.52 11.57
N LEU C 110 -4.31 6.26 11.13
N LEU C 110 -4.30 6.26 11.14
CA LEU C 110 -5.33 5.31 11.51
CA LEU C 110 -5.34 5.34 11.54
C LEU C 110 -5.01 4.55 12.81
C LEU C 110 -5.10 4.62 12.85
N THR C 111 -4.14 5.09 13.63
CA THR C 111 -3.70 4.40 14.80
C THR C 111 -4.86 4.04 15.76
N ASP C 112 -5.74 4.99 16.04
CA ASP C 112 -6.84 4.74 16.99
C ASP C 112 -7.91 3.85 16.36
N ILE C 113 -8.12 4.02 15.06
CA ILE C 113 -9.11 3.21 14.32
C ILE C 113 -8.72 1.73 14.28
N ASP C 114 -7.57 1.43 13.71
CA ASP C 114 -7.11 0.05 13.60
C ASP C 114 -7.09 -0.62 14.96
N THR C 115 -6.51 0.01 16.00
CA THR C 115 -6.41 -0.63 17.31
C THR C 115 -7.77 -0.80 17.93
N SER C 116 -8.72 0.09 17.62
CA SER C 116 -10.04 -0.01 18.27
C SER C 116 -10.89 -1.09 17.65
N ILE C 117 -10.68 -1.32 16.36
CA ILE C 117 -11.32 -2.49 15.69
C ILE C 117 -10.84 -3.78 16.32
N VAL C 118 -9.53 -3.90 16.50
CA VAL C 118 -8.93 -5.07 17.17
C VAL C 118 -9.46 -5.23 18.58
N THR C 119 -9.48 -4.12 19.33
CA THR C 119 -9.92 -4.18 20.73
C THR C 119 -11.40 -4.53 20.85
N ASP C 120 -12.24 -3.98 19.95
CA ASP C 120 -13.67 -4.27 19.93
C ASP C 120 -13.92 -5.76 19.64
N HIS C 121 -13.19 -6.30 18.65
CA HIS C 121 -13.30 -7.73 18.36
C HIS C 121 -12.97 -8.57 19.62
N MSE C 122 -11.88 -8.21 20.29
CA MSE C 122 -11.44 -8.92 21.49
C MSE C 122 -12.52 -8.85 22.59
O MSE C 122 -12.80 -9.85 23.25
CB MSE C 122 -10.09 -8.41 22.03
CG MSE C 122 -8.97 -8.78 21.15
SE MSE C 122 -7.27 -8.69 22.02
CE MSE C 122 -7.20 -6.76 22.29
N MSE C 123 -13.08 -7.66 22.81
CA MSE C 123 -14.09 -7.45 23.84
C MSE C 123 -15.35 -8.29 23.56
O MSE C 123 -15.91 -8.89 24.48
CB MSE C 123 -14.43 -5.95 23.88
CG MSE C 123 -15.54 -5.62 24.85
SE MSE C 123 -15.70 -3.66 25.17
CE MSE C 123 -16.39 -3.18 23.40
N LEU C 124 -15.78 -8.31 22.31
CA LEU C 124 -16.95 -9.12 21.87
C LEU C 124 -16.69 -10.61 22.03
N GLN C 125 -15.46 -11.02 21.76
CA GLN C 125 -15.07 -12.43 21.87
C GLN C 125 -15.03 -12.79 23.34
N ALA C 126 -14.44 -11.92 24.16
CA ALA C 126 -14.40 -12.15 25.61
C ALA C 126 -15.80 -12.36 26.17
N THR C 127 -16.73 -11.56 25.70
CA THR C 127 -18.10 -11.58 26.22
C THR C 127 -18.76 -12.96 25.90
N GLU C 128 -18.53 -13.46 24.69
CA GLU C 128 -19.10 -14.77 24.25
C GLU C 128 -18.62 -15.90 25.15
N LEU C 129 -17.40 -15.77 25.66
CA LEU C 129 -16.74 -16.79 26.45
C LEU C 129 -17.06 -16.67 27.94
N GLY C 130 -17.95 -15.77 28.29
CA GLY C 130 -18.40 -15.61 29.64
C GLY C 130 -17.51 -14.71 30.48
N LEU C 131 -16.56 -14.02 29.83
N LEU C 131 -16.58 -13.99 29.83
CA LEU C 131 -15.72 -13.03 30.52
CA LEU C 131 -15.70 -13.03 30.50
C LEU C 131 -16.38 -11.66 30.54
C LEU C 131 -16.33 -11.64 30.52
N ALA C 132 -16.41 -11.08 31.72
CA ALA C 132 -16.75 -9.69 31.93
C ALA C 132 -15.53 -8.88 31.53
N SER C 133 -15.77 -7.63 31.22
CA SER C 133 -14.72 -6.76 30.70
C SER C 133 -15.08 -5.30 30.93
N VAL C 134 -14.06 -4.47 30.78
CA VAL C 134 -14.24 -3.03 30.60
C VAL C 134 -13.10 -2.52 29.74
N TRP C 135 -13.45 -1.66 28.80
CA TRP C 135 -12.48 -0.93 28.00
C TRP C 135 -11.98 0.30 28.77
N VAL C 136 -10.66 0.49 28.80
CA VAL C 136 -10.09 1.60 29.57
C VAL C 136 -9.18 2.49 28.72
N CYS C 137 -9.54 3.77 28.65
CA CYS C 137 -8.67 4.80 28.03
C CYS C 137 -8.29 5.89 29.00
N TYR C 138 -8.85 5.86 30.22
CA TYR C 138 -8.48 6.86 31.23
C TYR C 138 -7.24 6.38 31.96
N PHE C 139 -6.13 6.44 31.24
CA PHE C 139 -4.83 6.11 31.80
C PHE C 139 -3.80 7.18 31.46
N ASN C 140 -2.77 7.21 32.30
CA ASN C 140 -1.64 8.11 32.13
C ASN C 140 -0.69 7.50 31.11
N PRO C 141 -0.69 8.02 29.87
CA PRO C 141 0.09 7.34 28.80
C PRO C 141 1.60 7.44 29.04
N ASP C 142 2.04 8.49 29.73
CA ASP C 142 3.47 8.63 30.06
C ASP C 142 3.93 7.59 31.05
N ILE C 143 3.07 7.28 32.02
CA ILE C 143 3.38 6.23 32.97
C ILE C 143 3.42 4.87 32.26
N ILE C 144 2.45 4.61 31.38
N ILE C 144 2.48 4.59 31.36
CA ILE C 144 2.44 3.36 30.60
CA ILE C 144 2.51 3.33 30.62
C ILE C 144 3.69 3.27 29.74
C ILE C 144 3.80 3.21 29.80
N ARG C 145 4.11 4.39 29.16
N ARG C 145 4.15 4.28 29.11
CA ARG C 145 5.27 4.40 28.28
CA ARG C 145 5.34 4.25 28.26
C ARG C 145 6.54 4.08 29.07
C ARG C 145 6.58 4.00 29.11
N GLU C 146 6.68 4.71 30.22
CA GLU C 146 7.83 4.49 31.12
C GLU C 146 7.85 3.07 31.71
N GLU C 147 6.74 2.65 32.27
CA GLU C 147 6.67 1.33 32.95
C GLU C 147 6.88 0.15 32.02
N PHE C 148 6.40 0.27 30.78
CA PHE C 148 6.54 -0.79 29.76
C PHE C 148 7.64 -0.55 28.71
N SER C 149 8.47 0.46 28.95
CA SER C 149 9.61 0.80 28.09
C SER C 149 9.21 0.81 26.62
N LEU C 150 8.08 1.44 26.33
CA LEU C 150 7.60 1.51 24.99
C LEU C 150 8.51 2.42 24.16
N PRO C 151 8.91 1.97 22.97
CA PRO C 151 9.64 2.85 22.05
C PRO C 151 8.71 3.93 21.48
N ASP C 152 9.27 5.00 20.89
CA ASP C 152 8.46 6.13 20.41
C ASP C 152 7.47 5.76 19.30
N ASN C 153 7.77 4.69 18.55
CA ASN C 153 6.86 4.27 17.48
C ASN C 153 5.57 3.63 17.99
N LEU C 154 5.60 3.13 19.22
CA LEU C 154 4.41 2.48 19.79
C LEU C 154 3.65 3.46 20.68
N GLU C 155 2.38 3.68 20.35
CA GLU C 155 1.48 4.50 21.16
C GLU C 155 0.47 3.58 21.85
N PRO C 156 0.40 3.69 23.20
CA PRO C 156 -0.58 2.90 23.91
C PRO C 156 -1.95 3.54 23.70
N ILE C 157 -2.91 2.74 23.26
CA ILE C 157 -4.23 3.29 22.87
C ILE C 157 -5.33 2.87 23.87
N ASN C 158 -5.52 1.56 24.00
CA ASN C 158 -6.57 0.96 24.82
C ASN C 158 -6.01 -0.04 25.79
N ILE C 159 -6.62 -0.08 26.98
CA ILE C 159 -6.38 -1.18 27.91
C ILE C 159 -7.71 -1.94 28.00
N LEU C 160 -7.72 -3.20 27.58
CA LEU C 160 -8.91 -4.04 27.71
C LEU C 160 -8.76 -4.95 28.93
N LEU C 161 -9.63 -4.73 29.91
CA LEU C 161 -9.65 -5.50 31.16
C LEU C 161 -10.66 -6.64 31.08
N MSE C 162 -10.29 -7.82 31.58
N MSE C 162 -10.30 -7.81 31.61
CA MSE C 162 -11.14 -9.00 31.53
CA MSE C 162 -11.19 -8.97 31.55
C MSE C 162 -11.11 -9.76 32.84
C MSE C 162 -11.03 -9.91 32.73
O MSE C 162 -10.19 -9.58 33.62
O MSE C 162 -9.94 -10.05 33.30
CB MSE C 162 -10.70 -9.97 30.43
CB MSE C 162 -11.00 -9.74 30.24
CG MSE C 162 -11.35 -9.77 29.10
CG MSE C 162 -11.03 -8.90 28.95
SE MSE C 162 -10.06 -10.59 27.86
SE MSE C 162 -10.42 -9.98 27.42
CE MSE C 162 -8.75 -9.14 27.73
CE MSE C 162 -9.31 -11.25 28.32
N GLY C 163 -12.12 -10.60 33.06
CA GLY C 163 -12.15 -11.46 34.18
C GLY C 163 -13.54 -11.99 34.36
N TYR C 164 -13.88 -12.31 35.61
CA TYR C 164 -15.17 -12.90 35.94
C TYR C 164 -15.88 -11.90 36.83
N GLU C 165 -17.11 -11.53 36.50
CA GLU C 165 -17.84 -10.55 37.27
C GLU C 165 -18.13 -11.00 38.67
N SER C 166 -18.13 -10.06 39.62
CA SER C 166 -18.39 -10.43 41.01
C SER C 166 -19.88 -10.55 41.34
N LYS C 167 -20.70 -9.83 40.61
CA LYS C 167 -22.13 -9.80 40.86
C LYS C 167 -22.92 -9.93 39.54
N ILE C 168 -24.24 -9.91 39.67
CA ILE C 168 -25.10 -10.12 38.54
C ILE C 168 -24.83 -9.06 37.42
N PRO C 169 -24.71 -9.52 36.15
CA PRO C 169 -24.38 -8.58 35.06
C PRO C 169 -25.48 -7.54 34.89
N GLU C 170 -25.19 -6.39 34.27
CA GLU C 170 -26.22 -5.44 33.90
C GLU C 170 -27.17 -5.99 32.86
N SER C 171 -28.39 -5.45 32.84
CA SER C 171 -29.40 -6.02 31.98
C SER C 171 -29.04 -5.88 30.50
N PRO C 172 -29.24 -6.94 29.72
CA PRO C 172 -29.14 -6.77 28.27
C PRO C 172 -30.22 -5.84 27.69
N GLU C 173 -31.28 -5.56 28.46
CA GLU C 173 -32.33 -4.65 28.04
C GLU C 173 -32.22 -3.23 28.62
N ARG C 174 -31.07 -2.86 29.15
CA ARG C 174 -30.90 -1.54 29.79
C ARG C 174 -30.80 -0.33 28.89
N HIS C 175 -30.55 -0.56 27.60
CA HIS C 175 -30.18 0.55 26.71
C HIS C 175 -31.27 1.61 26.53
N GLU C 176 -32.51 1.26 26.80
N GLU C 176 -32.52 1.26 26.79
CA GLU C 176 -33.61 2.25 26.78
CA GLU C 176 -33.60 2.25 26.80
C GLU C 176 -33.33 3.35 27.80
C GLU C 176 -33.27 3.37 27.78
N LYS C 177 -32.67 3.01 28.91
CA LYS C 177 -32.25 4.01 29.90
C LYS C 177 -30.82 4.50 29.71
N THR C 178 -29.94 3.65 29.19
CA THR C 178 -28.52 3.94 29.28
C THR C 178 -27.95 4.49 27.98
N ARG C 179 -28.81 4.68 27.00
CA ARG C 179 -28.41 5.27 25.72
C ARG C 179 -29.45 6.28 25.27
N VAL C 180 -29.00 7.30 24.53
CA VAL C 180 -29.93 8.22 23.87
C VAL C 180 -30.75 7.47 22.80
N PRO C 181 -31.93 8.01 22.47
CA PRO C 181 -32.68 7.38 21.40
C PRO C 181 -31.88 7.33 20.07
N LEU C 182 -32.13 6.30 19.29
CA LEU C 182 -31.43 6.11 18.00
C LEU C 182 -31.61 7.35 17.13
N SER C 183 -32.81 7.93 17.19
CA SER C 183 -33.11 9.14 16.43
C SER C 183 -32.16 10.32 16.69
N GLU C 184 -31.47 10.35 17.84
CA GLU C 184 -30.49 11.41 18.16
C GLU C 184 -29.13 11.19 17.52
N ILE C 185 -28.86 9.96 17.08
CA ILE C 185 -27.56 9.67 16.47
C ILE C 185 -27.61 9.38 14.98
N VAL C 186 -28.80 9.23 14.43
CA VAL C 186 -28.95 8.80 13.02
C VAL C 186 -29.78 9.81 12.25
N SER C 187 -29.32 10.21 11.07
CA SER C 187 -30.21 10.88 10.11
C SER C 187 -30.05 10.20 8.74
N TYR C 188 -30.97 10.53 7.82
CA TYR C 188 -31.05 9.90 6.52
C TYR C 188 -30.75 10.94 5.46
N GLU C 189 -29.71 10.65 4.67
CA GLU C 189 -29.29 11.40 3.46
C GLU C 189 -28.55 12.70 3.73
N THR C 190 -29.06 13.48 4.67
CA THR C 190 -28.45 14.72 5.09
C THR C 190 -28.38 14.70 6.61
N LEU C 191 -27.65 15.62 7.22
CA LEU C 191 -27.76 15.85 8.65
C LEU C 191 -29.23 16.08 9.04
N MSE D 20 -23.63 -19.90 14.03
CA MSE D 20 -22.32 -19.15 13.86
C MSE D 20 -21.85 -18.53 15.19
O MSE D 20 -22.57 -17.75 15.80
CB MSE D 20 -22.47 -18.06 12.77
CG MSE D 20 -21.19 -17.37 12.34
SE MSE D 20 -21.01 -16.83 10.41
CE MSE D 20 -22.59 -15.73 10.23
N ASN D 21 -20.65 -18.88 15.64
CA ASN D 21 -20.04 -18.24 16.80
C ASN D 21 -19.25 -17.00 16.37
N PHE D 22 -18.65 -16.31 17.35
CA PHE D 22 -18.06 -15.03 17.07
C PHE D 22 -16.88 -15.14 16.13
N VAL D 23 -15.98 -16.08 16.38
CA VAL D 23 -14.81 -16.20 15.51
C VAL D 23 -15.22 -16.51 14.06
N GLU D 24 -16.29 -17.30 13.90
CA GLU D 24 -16.76 -17.65 12.57
C GLU D 24 -17.31 -16.42 11.86
N LEU D 25 -18.01 -15.58 12.63
CA LEU D 25 -18.53 -14.31 12.10
C LEU D 25 -17.39 -13.37 11.69
N ALA D 26 -16.41 -13.23 12.57
CA ALA D 26 -15.25 -12.37 12.31
C ALA D 26 -14.42 -12.87 11.14
N LYS D 27 -14.36 -14.19 10.96
CA LYS D 27 -13.63 -14.77 9.86
C LYS D 27 -14.34 -14.59 8.55
N LYS D 28 -15.67 -14.77 8.57
CA LYS D 28 -16.55 -14.67 7.39
C LYS D 28 -16.41 -13.27 6.79
N ARG D 29 -16.40 -12.27 7.67
CA ARG D 29 -16.32 -10.89 7.21
C ARG D 29 -15.07 -10.67 6.37
N TYR D 30 -15.25 -10.04 5.22
CA TYR D 30 -14.11 -9.64 4.36
C TYR D 30 -14.43 -8.29 3.68
N SER D 31 -13.46 -7.72 2.97
CA SER D 31 -13.70 -6.45 2.29
C SER D 31 -14.21 -6.70 0.88
N CYS D 32 -15.45 -6.24 0.66
CA CYS D 32 -16.13 -6.41 -0.62
C CYS D 32 -16.04 -5.12 -1.45
N ARG D 33 -15.61 -5.28 -2.71
CA ARG D 33 -15.48 -4.16 -3.62
C ARG D 33 -16.21 -4.40 -4.94
N ASN D 34 -17.13 -5.37 -4.90
CA ASN D 34 -17.95 -5.78 -6.05
C ASN D 34 -19.36 -6.00 -5.56
N TYR D 35 -20.23 -5.04 -5.85
CA TYR D 35 -21.60 -5.00 -5.35
C TYR D 35 -22.67 -5.23 -6.45
N GLN D 36 -23.68 -6.00 -6.11
CA GLN D 36 -24.88 -6.12 -6.95
C GLN D 36 -25.65 -4.81 -6.95
N ASP D 37 -26.54 -4.65 -7.93
N ASP D 37 -26.53 -4.67 -7.93
CA ASP D 37 -27.48 -3.53 -7.92
CA ASP D 37 -27.46 -3.56 -7.95
C ASP D 37 -28.52 -3.64 -6.80
C ASP D 37 -28.41 -3.61 -6.72
N ARG D 38 -28.57 -4.80 -6.15
CA ARG D 38 -29.58 -5.07 -5.15
C ARG D 38 -29.45 -4.15 -3.93
N LYS D 39 -30.57 -3.53 -3.56
CA LYS D 39 -30.59 -2.62 -2.42
C LYS D 39 -30.59 -3.37 -1.11
N VAL D 40 -30.13 -2.69 -0.07
CA VAL D 40 -30.19 -3.27 1.27
C VAL D 40 -31.62 -3.12 1.83
N GLU D 41 -32.19 -4.23 2.29
CA GLU D 41 -33.53 -4.22 2.87
C GLU D 41 -33.59 -3.36 4.15
N LYS D 42 -34.66 -2.60 4.29
CA LYS D 42 -34.88 -1.74 5.45
C LYS D 42 -34.72 -2.51 6.75
N GLU D 43 -35.28 -3.72 6.79
CA GLU D 43 -35.23 -4.61 7.95
C GLU D 43 -33.77 -4.89 8.37
N LYS D 44 -32.89 -5.10 7.39
CA LYS D 44 -31.46 -5.32 7.71
C LYS D 44 -30.75 -4.01 8.13
N LEU D 45 -31.02 -2.92 7.41
CA LEU D 45 -30.47 -1.63 7.73
C LEU D 45 -30.82 -1.30 9.18
N GLU D 46 -32.08 -1.45 9.56
CA GLU D 46 -32.45 -1.14 10.95
C GLU D 46 -31.69 -1.94 12.03
N LYS D 47 -31.47 -3.22 11.75
N LYS D 47 -31.44 -3.22 11.77
CA LYS D 47 -30.71 -4.12 12.63
CA LYS D 47 -30.69 -4.04 12.73
C LYS D 47 -29.27 -3.62 12.78
C LYS D 47 -29.24 -3.60 12.80
N VAL D 48 -28.70 -3.19 11.66
CA VAL D 48 -27.36 -2.63 11.64
C VAL D 48 -27.28 -1.35 12.50
N LEU D 49 -28.24 -0.47 12.33
CA LEU D 49 -28.28 0.75 13.07
C LEU D 49 -28.48 0.51 14.56
N ASP D 50 -29.25 -0.51 14.91
CA ASP D 50 -29.52 -0.78 16.34
C ASP D 50 -28.23 -0.97 17.13
N VAL D 51 -27.24 -1.60 16.52
CA VAL D 51 -25.99 -1.86 17.27
C VAL D 51 -25.04 -0.64 17.45
N ALA D 52 -25.27 0.40 16.61
CA ALA D 52 -24.56 1.67 16.72
C ALA D 52 -24.94 2.38 18.01
N ARG D 53 -26.18 2.12 18.46
CA ARG D 53 -26.67 2.67 19.74
C ARG D 53 -26.24 1.80 20.94
N ILE D 54 -26.33 0.48 20.75
N ILE D 54 -26.36 0.49 20.73
N ILE D 54 -26.36 0.49 20.77
CA ILE D 54 -25.97 -0.48 21.78
CA ILE D 54 -25.98 -0.54 21.72
CA ILE D 54 -25.99 -0.45 21.81
C ILE D 54 -24.50 -0.44 22.16
C ILE D 54 -24.51 -0.42 22.14
C ILE D 54 -24.49 -0.41 22.17
N ALA D 55 -23.64 -0.12 21.18
CA ALA D 55 -22.19 0.00 21.39
C ALA D 55 -21.82 0.89 22.54
N PRO D 56 -20.74 0.56 23.24
CA PRO D 56 -20.22 1.45 24.32
C PRO D 56 -19.34 2.57 23.73
N THR D 57 -19.31 3.70 24.44
CA THR D 57 -18.47 4.82 24.05
C THR D 57 -17.88 5.39 25.36
N GLY D 58 -16.69 6.01 25.29
CA GLY D 58 -16.03 6.50 26.50
C GLY D 58 -16.89 7.47 27.28
N GLY D 59 -16.99 7.28 28.57
CA GLY D 59 -17.88 8.18 29.40
C GLY D 59 -19.37 8.07 29.05
N ASN D 60 -19.76 7.05 28.29
CA ASN D 60 -21.11 7.00 27.73
C ASN D 60 -21.50 8.31 27.04
N ARG D 61 -20.51 9.00 26.49
CA ARG D 61 -20.76 10.30 25.86
C ARG D 61 -21.56 10.22 24.57
N GLN D 62 -21.49 9.05 23.90
CA GLN D 62 -22.24 8.82 22.64
C GLN D 62 -22.06 9.98 21.61
N PRO D 63 -20.81 10.19 21.17
CA PRO D 63 -20.48 11.29 20.25
C PRO D 63 -20.71 10.92 18.77
N GLN D 64 -21.20 9.72 18.52
CA GLN D 64 -21.29 9.25 17.16
C GLN D 64 -22.48 9.90 16.47
N ARG D 65 -22.30 10.24 15.22
CA ARG D 65 -23.36 10.86 14.46
C ARG D 65 -23.29 10.30 13.03
N LEU D 66 -24.36 9.64 12.64
CA LEU D 66 -24.43 8.79 11.45
C LEU D 66 -25.32 9.47 10.43
N ILE D 67 -24.89 9.37 9.18
CA ILE D 67 -25.77 9.70 8.05
C ILE D 67 -25.92 8.48 7.17
N VAL D 68 -27.14 7.97 7.10
CA VAL D 68 -27.45 6.83 6.27
C VAL D 68 -27.70 7.34 4.85
N ILE D 69 -26.94 6.78 3.93
CA ILE D 69 -26.93 7.24 2.51
C ILE D 69 -27.29 6.14 1.56
N GLN D 70 -28.45 6.26 0.94
CA GLN D 70 -28.91 5.26 0.01
C GLN D 70 -29.64 5.85 -1.21
N GLU D 71 -29.74 7.17 -1.28
CA GLU D 71 -30.38 7.78 -2.45
C GLU D 71 -29.36 8.42 -3.37
N LYS D 72 -29.78 8.68 -4.60
CA LYS D 72 -28.89 9.12 -5.68
C LYS D 72 -28.08 10.36 -5.32
N GLU D 73 -28.73 11.40 -4.80
CA GLU D 73 -28.01 12.64 -4.50
C GLU D 73 -26.87 12.42 -3.49
N GLY D 74 -27.19 11.68 -2.42
CA GLY D 74 -26.21 11.42 -1.36
C GLY D 74 -25.11 10.49 -1.81
N ILE D 75 -25.49 9.47 -2.56
CA ILE D 75 -24.48 8.52 -3.15
C ILE D 75 -23.51 9.27 -4.05
N ASN D 76 -24.06 10.09 -4.93
CA ASN D 76 -23.21 10.93 -5.78
C ASN D 76 -22.34 11.91 -5.02
N LYS D 77 -22.85 12.50 -3.95
CA LYS D 77 -22.01 13.32 -3.08
C LYS D 77 -20.83 12.56 -2.48
N LEU D 78 -21.13 11.42 -1.86
CA LEU D 78 -20.06 10.56 -1.33
C LEU D 78 -19.01 10.21 -2.35
N SER D 79 -19.47 9.87 -3.54
CA SER D 79 -18.60 9.50 -4.66
C SER D 79 -17.64 10.58 -5.14
N LYS D 80 -17.91 11.84 -4.78
CA LYS D 80 -16.98 12.92 -5.03
C LYS D 80 -15.76 12.81 -4.11
N ALA D 81 -15.93 12.07 -3.00
CA ALA D 81 -14.94 12.05 -1.92
C ALA D 81 -14.14 10.75 -1.81
N ALA D 82 -14.69 9.67 -2.37
CA ALA D 82 -14.14 8.34 -2.28
C ALA D 82 -14.67 7.47 -3.41
N ASN D 83 -13.98 6.38 -3.68
CA ASN D 83 -14.51 5.30 -4.47
C ASN D 83 -15.33 4.41 -3.58
N ILE D 84 -16.63 4.42 -3.78
CA ILE D 84 -17.56 3.55 -3.04
C ILE D 84 -18.04 2.34 -3.79
N TYR D 85 -17.36 2.02 -4.91
CA TYR D 85 -17.54 0.75 -5.63
C TYR D 85 -18.97 0.43 -6.00
N ASP D 86 -19.72 1.48 -6.29
CA ASP D 86 -21.17 1.34 -6.59
C ASP D 86 -21.98 0.56 -5.53
N ALA D 87 -21.53 0.63 -4.28
CA ALA D 87 -22.30 0.04 -3.17
C ALA D 87 -23.67 0.73 -3.09
N PRO D 88 -24.72 -0.05 -2.77
CA PRO D 88 -26.10 0.51 -2.66
C PRO D 88 -26.45 1.26 -1.33
N LEU D 89 -25.61 1.07 -0.32
N LEU D 89 -25.55 1.12 -0.36
CA LEU D 89 -25.81 1.73 0.98
CA LEU D 89 -25.77 1.65 0.98
C LEU D 89 -24.46 2.08 1.54
C LEU D 89 -24.44 2.07 1.55
N ALA D 90 -24.40 3.27 2.12
CA ALA D 90 -23.21 3.77 2.81
C ALA D 90 -23.70 4.41 4.10
N ILE D 91 -22.95 4.24 5.16
CA ILE D 91 -23.18 5.03 6.39
C ILE D 91 -21.92 5.83 6.68
N LEU D 92 -22.10 7.14 6.71
CA LEU D 92 -21.10 8.09 7.09
C LEU D 92 -21.13 8.22 8.60
N VAL D 93 -20.03 7.89 9.24
CA VAL D 93 -19.90 7.95 10.66
C VAL D 93 -19.00 9.08 11.07
N CYS D 94 -19.63 10.08 11.68
CA CYS D 94 -18.96 11.24 12.24
C CYS D 94 -18.80 11.15 13.76
N GLY D 95 -17.82 11.87 14.30
CA GLY D 95 -17.68 12.07 15.73
C GLY D 95 -17.90 13.53 16.09
N ASP D 96 -18.65 13.75 17.16
CA ASP D 96 -19.00 15.11 17.62
C ASP D 96 -18.03 15.45 18.71
N LYS D 97 -17.06 16.32 18.43
N LYS D 97 -17.12 16.37 18.40
CA LYS D 97 -16.06 16.67 19.44
CA LYS D 97 -16.05 16.78 19.29
C LYS D 97 -16.62 17.57 20.56
C LYS D 97 -16.59 17.60 20.48
N ASP D 98 -17.86 18.01 20.41
CA ASP D 98 -18.55 18.71 21.51
C ASP D 98 -19.12 17.75 22.55
N LYS D 99 -19.16 16.46 22.23
CA LYS D 99 -19.65 15.42 23.16
C LYS D 99 -18.56 14.50 23.70
N VAL D 100 -17.58 14.21 22.87
CA VAL D 100 -16.57 13.21 23.16
C VAL D 100 -15.78 13.52 24.42
N TRP D 101 -15.36 12.46 25.11
CA TRP D 101 -14.49 12.60 26.23
C TRP D 101 -13.07 13.00 25.84
N THR D 102 -12.46 13.90 26.65
CA THR D 102 -11.11 14.33 26.47
C THR D 102 -10.27 13.91 27.67
N ARG D 103 -9.13 13.31 27.43
CA ARG D 103 -8.28 12.83 28.51
C ARG D 103 -7.45 13.98 29.10
N PRO D 104 -7.50 14.15 30.45
CA PRO D 104 -6.81 15.32 31.01
C PRO D 104 -5.28 15.33 30.90
N PHE D 105 -4.65 14.15 30.87
CA PHE D 105 -3.19 14.09 30.86
C PHE D 105 -2.57 14.72 29.62
N ASP D 106 -3.18 14.48 28.46
CA ASP D 106 -2.58 14.79 27.17
C ASP D 106 -3.53 15.39 26.19
N GLY D 107 -4.78 15.58 26.61
CA GLY D 107 -5.82 16.11 25.80
C GLY D 107 -6.35 15.19 24.68
N LYS D 108 -5.98 13.91 24.72
N LYS D 108 -5.99 13.90 24.73
CA LYS D 108 -6.40 12.99 23.67
CA LYS D 108 -6.45 12.93 23.73
C LYS D 108 -7.92 12.79 23.76
C LYS D 108 -7.96 12.83 23.77
N GLN D 109 -8.57 12.87 22.60
CA GLN D 109 -10.01 12.77 22.46
C GLN D 109 -10.34 11.37 21.94
N LEU D 110 -11.46 10.81 22.36
CA LEU D 110 -11.83 9.44 21.92
C LEU D 110 -12.63 9.38 20.60
N THR D 111 -12.51 10.41 19.78
CA THR D 111 -13.39 10.57 18.65
C THR D 111 -13.26 9.38 17.68
N ASP D 112 -12.02 9.00 17.41
CA ASP D 112 -11.79 7.88 16.48
C ASP D 112 -12.12 6.53 17.11
N ILE D 113 -11.95 6.43 18.43
CA ILE D 113 -12.13 5.17 19.13
C ILE D 113 -13.63 4.85 19.21
N ASP D 114 -14.37 5.82 19.76
CA ASP D 114 -15.80 5.69 19.93
C ASP D 114 -16.47 5.36 18.60
N THR D 115 -16.16 6.15 17.57
CA THR D 115 -16.83 5.93 16.26
C THR D 115 -16.42 4.62 15.59
N SER D 116 -15.20 4.14 15.88
CA SER D 116 -14.71 2.88 15.26
C SER D 116 -15.34 1.67 16.00
N ILE D 117 -15.56 1.76 17.32
CA ILE D 117 -16.36 0.70 18.00
C ILE D 117 -17.76 0.58 17.35
N VAL D 118 -18.41 1.73 17.20
CA VAL D 118 -19.73 1.81 16.57
C VAL D 118 -19.69 1.19 15.20
N THR D 119 -18.72 1.61 14.40
CA THR D 119 -18.61 1.14 13.02
C THR D 119 -18.34 -0.41 12.94
N ASP D 120 -17.46 -0.83 13.83
CA ASP D 120 -17.12 -2.26 13.94
C ASP D 120 -18.36 -3.10 14.26
N HIS D 121 -19.10 -2.67 15.29
CA HIS D 121 -20.37 -3.29 15.65
C HIS D 121 -21.33 -3.43 14.44
N MSE D 122 -21.48 -2.32 13.68
CA MSE D 122 -22.34 -2.27 12.46
C MSE D 122 -21.85 -3.24 11.41
O MSE D 122 -22.62 -4.02 10.84
CB MSE D 122 -22.40 -0.85 11.92
CG MSE D 122 -23.27 0.07 12.78
SE MSE D 122 -23.84 1.63 11.76
CE MSE D 122 -22.04 2.35 11.39
N MSE D 123 -20.54 -3.26 11.22
CA MSE D 123 -19.92 -4.10 10.17
C MSE D 123 -20.12 -5.61 10.47
O MSE D 123 -20.46 -6.41 9.60
CB MSE D 123 -18.40 -3.78 10.04
CG MSE D 123 -17.68 -4.59 8.98
SE MSE D 123 -15.87 -3.95 8.73
CE MSE D 123 -15.17 -4.33 10.55
N LEU D 124 -19.94 -5.97 11.73
CA LEU D 124 -20.16 -7.35 12.17
C LEU D 124 -21.64 -7.71 12.10
N GLN D 125 -22.51 -6.79 12.50
CA GLN D 125 -23.95 -7.09 12.41
C GLN D 125 -24.35 -7.26 10.92
N ALA D 126 -23.85 -6.35 10.08
CA ALA D 126 -24.09 -6.46 8.61
C ALA D 126 -23.72 -7.88 8.13
N THR D 127 -22.56 -8.34 8.57
CA THR D 127 -22.01 -9.63 8.09
C THR D 127 -22.95 -10.79 8.47
N GLU D 128 -23.47 -10.73 9.69
CA GLU D 128 -24.37 -11.79 10.17
C GLU D 128 -25.62 -11.90 9.28
N LEU D 129 -26.04 -10.77 8.70
CA LEU D 129 -27.29 -10.68 7.92
C LEU D 129 -27.07 -10.97 6.42
N GLY D 130 -25.88 -11.44 6.06
CA GLY D 130 -25.57 -11.79 4.68
C GLY D 130 -25.14 -10.63 3.78
N LEU D 131 -24.93 -9.46 4.39
CA LEU D 131 -24.51 -8.29 3.66
C LEU D 131 -23.00 -8.33 3.55
N ALA D 132 -22.51 -7.93 2.37
CA ALA D 132 -21.11 -7.66 2.11
C ALA D 132 -20.87 -6.21 2.60
N SER D 133 -19.60 -5.88 2.84
CA SER D 133 -19.24 -4.53 3.33
C SER D 133 -17.79 -4.25 3.06
N VAL D 134 -17.45 -2.96 3.13
CA VAL D 134 -16.06 -2.54 3.21
C VAL D 134 -16.00 -1.27 4.06
N TRP D 135 -15.02 -1.22 4.95
CA TRP D 135 -14.74 -0.01 5.72
C TRP D 135 -13.89 0.94 4.85
N VAL D 136 -14.21 2.24 4.80
CA VAL D 136 -13.48 3.23 3.91
C VAL D 136 -12.99 4.42 4.73
N CYS D 137 -11.67 4.58 4.81
CA CYS D 137 -11.00 5.81 5.32
C CYS D 137 -10.25 6.57 4.24
N TYR D 138 -10.17 5.98 3.04
CA TYR D 138 -9.52 6.65 1.93
C TYR D 138 -10.49 7.62 1.24
N PHE D 139 -10.75 8.75 1.93
CA PHE D 139 -11.69 9.73 1.43
C PHE D 139 -11.14 11.11 1.73
N ASN D 140 -11.65 12.09 1.00
CA ASN D 140 -11.29 13.48 1.18
C ASN D 140 -12.26 14.06 2.20
N PRO D 141 -11.79 14.34 3.42
CA PRO D 141 -12.73 14.74 4.45
C PRO D 141 -13.30 16.17 4.19
N ASP D 142 -12.51 17.00 3.49
CA ASP D 142 -12.97 18.35 3.16
C ASP D 142 -14.13 18.31 2.21
N ILE D 143 -14.08 17.38 1.25
CA ILE D 143 -15.21 17.21 0.28
C ILE D 143 -16.43 16.71 1.02
N ILE D 144 -16.22 15.79 1.97
N ILE D 144 -16.24 15.78 1.96
CA ILE D 144 -17.32 15.30 2.77
CA ILE D 144 -17.38 15.27 2.72
C ILE D 144 -17.95 16.46 3.58
C ILE D 144 -18.02 16.41 3.56
N ARG D 145 -17.09 17.26 4.20
N ARG D 145 -17.17 17.20 4.19
CA ARG D 145 -17.54 18.39 5.02
CA ARG D 145 -17.63 18.33 5.00
C ARG D 145 -18.38 19.36 4.19
C ARG D 145 -18.43 19.31 4.15
N GLU D 146 -17.93 19.61 2.96
CA GLU D 146 -18.63 20.54 2.06
C GLU D 146 -19.95 19.97 1.55
N GLU D 147 -19.90 18.76 1.02
CA GLU D 147 -21.04 18.16 0.40
C GLU D 147 -22.19 17.91 1.37
N PHE D 148 -21.86 17.58 2.60
CA PHE D 148 -22.85 17.29 3.62
C PHE D 148 -23.05 18.41 4.63
N SER D 149 -22.43 19.56 4.36
CA SER D 149 -22.49 20.75 5.23
C SER D 149 -22.28 20.41 6.69
N LEU D 150 -21.21 19.70 7.00
CA LEU D 150 -20.96 19.34 8.38
C LEU D 150 -20.49 20.57 9.14
N PRO D 151 -21.05 20.79 10.33
CA PRO D 151 -20.57 21.85 11.22
C PRO D 151 -19.22 21.48 11.79
N ASP D 152 -18.50 22.47 12.33
CA ASP D 152 -17.10 22.30 12.67
C ASP D 152 -16.88 21.27 13.80
N ASN D 153 -17.94 20.97 14.54
CA ASN D 153 -17.87 20.04 15.68
C ASN D 153 -18.02 18.57 15.27
N LEU D 154 -18.42 18.32 14.01
CA LEU D 154 -18.56 16.95 13.49
C LEU D 154 -17.41 16.65 12.55
N GLU D 155 -16.64 15.60 12.86
CA GLU D 155 -15.54 15.16 12.01
C GLU D 155 -15.97 13.84 11.35
N PRO D 156 -15.84 13.72 9.99
CA PRO D 156 -16.14 12.44 9.31
C PRO D 156 -14.99 11.50 9.55
N ILE D 157 -15.27 10.31 10.10
CA ILE D 157 -14.20 9.44 10.51
C ILE D 157 -14.12 8.19 9.60
N ASN D 158 -15.24 7.49 9.51
CA ASN D 158 -15.36 6.24 8.75
C ASN D 158 -16.56 6.31 7.81
N ILE D 159 -16.41 5.66 6.65
CA ILE D 159 -17.52 5.36 5.76
C ILE D 159 -17.64 3.81 5.74
N LEU D 160 -18.81 3.31 6.13
CA LEU D 160 -19.12 1.88 6.01
C LEU D 160 -20.06 1.62 4.81
N LEU D 161 -19.56 0.83 3.86
CA LEU D 161 -20.35 0.50 2.67
C LEU D 161 -20.90 -0.88 2.89
N MSE D 162 -22.08 -1.12 2.35
N MSE D 162 -22.08 -1.13 2.36
CA MSE D 162 -22.82 -2.37 2.47
CA MSE D 162 -22.76 -2.41 2.48
C MSE D 162 -23.59 -2.69 1.20
C MSE D 162 -23.68 -2.69 1.29
O MSE D 162 -23.95 -1.79 0.45
O MSE D 162 -24.25 -1.77 0.68
CB MSE D 162 -23.85 -2.27 3.59
CB MSE D 162 -23.60 -2.47 3.75
CG MSE D 162 -23.34 -2.60 4.94
CG MSE D 162 -22.83 -2.24 5.03
SE MSE D 162 -24.72 -1.98 6.12
SE MSE D 162 -24.00 -1.97 6.63
CE MSE D 162 -24.03 -0.18 6.34
CE MSE D 162 -25.68 -1.64 5.75
N GLY D 163 -23.88 -3.97 1.01
CA GLY D 163 -24.64 -4.41 -0.13
C GLY D 163 -24.55 -5.90 -0.26
N TYR D 164 -24.72 -6.39 -1.49
CA TYR D 164 -24.62 -7.82 -1.77
C TYR D 164 -23.41 -8.07 -2.69
N GLU D 165 -22.54 -9.01 -2.31
CA GLU D 165 -21.41 -9.44 -3.17
C GLU D 165 -21.90 -9.94 -4.53
N SER D 166 -21.27 -9.43 -5.60
CA SER D 166 -21.66 -9.77 -6.96
C SER D 166 -20.77 -10.87 -7.54
N LYS D 167 -19.60 -11.14 -6.96
CA LYS D 167 -18.74 -12.23 -7.40
C LYS D 167 -18.67 -13.33 -6.33
N ILE D 168 -17.48 -13.85 -6.02
CA ILE D 168 -17.36 -14.91 -5.01
C ILE D 168 -16.81 -14.27 -3.73
N PRO D 169 -17.46 -14.53 -2.57
CA PRO D 169 -16.88 -14.01 -1.33
C PRO D 169 -15.49 -14.55 -1.03
N GLU D 170 -14.66 -13.78 -0.31
CA GLU D 170 -13.35 -14.24 0.11
C GLU D 170 -13.54 -15.37 1.12
N SER D 171 -12.51 -16.22 1.27
CA SER D 171 -12.63 -17.39 2.13
C SER D 171 -12.53 -17.03 3.62
N PRO D 172 -13.36 -17.62 4.46
CA PRO D 172 -13.22 -17.41 5.91
C PRO D 172 -11.96 -18.03 6.49
N GLU D 173 -11.26 -18.86 5.69
CA GLU D 173 -10.01 -19.43 6.14
C GLU D 173 -8.80 -18.90 5.37
N ARG D 174 -8.92 -17.66 4.87
CA ARG D 174 -7.85 -17.00 4.09
C ARG D 174 -6.71 -16.42 4.96
N HIS D 175 -6.94 -16.29 6.25
CA HIS D 175 -6.06 -15.46 7.09
C HIS D 175 -4.64 -15.97 7.19
N GLU D 176 -4.46 -17.27 6.95
N GLU D 176 -4.44 -17.28 6.96
CA GLU D 176 -3.11 -17.83 6.91
CA GLU D 176 -3.07 -17.78 6.95
C GLU D 176 -2.26 -17.09 5.87
C GLU D 176 -2.24 -17.09 5.86
N LYS D 177 -2.90 -16.67 4.79
CA LYS D 177 -2.26 -15.93 3.72
C LYS D 177 -2.36 -14.42 3.86
N THR D 178 -3.39 -13.92 4.54
CA THR D 178 -3.69 -12.49 4.52
C THR D 178 -3.37 -11.76 5.84
N ARG D 179 -2.81 -12.47 6.83
CA ARG D 179 -2.48 -11.88 8.15
C ARG D 179 -1.09 -12.38 8.56
N VAL D 180 -0.36 -11.57 9.29
CA VAL D 180 0.88 -12.00 9.88
C VAL D 180 0.57 -12.96 11.03
N PRO D 181 1.53 -13.79 11.44
CA PRO D 181 1.29 -14.68 12.56
C PRO D 181 0.92 -13.92 13.85
N LEU D 182 0.09 -14.55 14.65
CA LEU D 182 -0.26 -14.01 15.99
C LEU D 182 0.96 -13.63 16.82
N SER D 183 2.01 -14.46 16.81
CA SER D 183 3.19 -14.18 17.63
C SER D 183 3.90 -12.86 17.28
N GLU D 184 3.61 -12.29 16.11
CA GLU D 184 4.20 -11.02 15.66
C GLU D 184 3.47 -9.80 16.23
N ILE D 185 2.24 -9.99 16.71
CA ILE D 185 1.51 -8.86 17.32
C ILE D 185 1.23 -8.93 18.85
N VAL D 186 1.62 -10.05 19.49
CA VAL D 186 1.31 -10.34 20.89
C VAL D 186 2.64 -10.64 21.61
N SER D 187 2.88 -10.01 22.77
CA SER D 187 3.86 -10.51 23.73
C SER D 187 3.22 -10.56 25.12
N TYR D 188 3.92 -11.21 26.04
CA TYR D 188 3.42 -11.48 27.38
C TYR D 188 4.25 -10.72 28.42
N GLU D 189 3.54 -9.92 29.23
CA GLU D 189 4.01 -9.08 30.34
C GLU D 189 4.87 -7.87 29.98
N THR D 190 5.75 -8.06 29.03
CA THR D 190 6.60 -7.03 28.48
C THR D 190 6.51 -7.07 26.95
N LEU D 191 7.04 -6.05 26.30
CA LEU D 191 7.29 -6.11 24.87
C LEU D 191 8.20 -7.29 24.52
N1 FMN E . 27.59 4.68 -23.86
C2 FMN E . 28.81 4.11 -24.07
O2 FMN E . 29.84 4.77 -23.93
N3 FMN E . 28.82 2.74 -24.40
C4 FMN E . 27.74 1.96 -24.51
O4 FMN E . 27.90 0.77 -24.80
C4A FMN E . 26.49 2.54 -24.34
N5 FMN E . 25.35 1.74 -24.49
C5A FMN E . 24.14 2.28 -24.14
C6 FMN E . 23.04 1.46 -23.99
C7 FMN E . 21.83 2.00 -23.58
C7M FMN E . 20.64 1.10 -23.44
C8 FMN E . 21.74 3.35 -23.19
C8M FMN E . 20.44 3.90 -22.65
C9 FMN E . 22.89 4.16 -23.27
C9A FMN E . 24.07 3.60 -23.73
N10 FMN E . 25.19 4.46 -23.82
C10 FMN E . 26.45 3.89 -24.01
C1' FMN E . 25.11 5.89 -23.39
C2' FMN E . 24.40 6.72 -24.48
O2' FMN E . 25.31 7.02 -25.54
C3' FMN E . 23.76 7.99 -23.83
O3' FMN E . 22.82 7.57 -22.85
C4' FMN E . 23.09 8.93 -24.84
O4' FMN E . 24.00 9.35 -25.85
C5' FMN E . 22.54 10.15 -24.19
O5' FMN E . 23.58 10.81 -23.49
P FMN E . 23.32 11.15 -21.98
O1P FMN E . 24.60 11.82 -21.55
O2P FMN E . 23.13 9.81 -21.19
O3P FMN E . 22.07 12.05 -21.88
C1 GOL F . 29.56 17.23 -8.97
O1 GOL F . 30.30 18.22 -9.67
C2 GOL F . 28.82 16.39 -10.00
O2 GOL F . 27.93 17.22 -10.74
C3 GOL F . 28.09 15.21 -9.33
O3 GOL F . 27.03 15.61 -8.48
C1 GOL G . 1.75 -11.29 -15.75
O1 GOL G . 2.66 -12.31 -15.38
C2 GOL G . 2.54 -10.01 -15.77
O2 GOL G . 3.74 -10.15 -16.52
C3 GOL G . 3.00 -9.59 -14.37
O3 GOL G . 2.11 -9.68 -13.31
C1 GOL H . 29.47 21.35 -20.30
O1 GOL H . 29.09 20.87 -19.04
C2 GOL H . 30.93 20.97 -20.50
O2 GOL H . 31.50 21.88 -21.41
C3 GOL H . 31.10 19.55 -21.04
O3 GOL H . 31.33 18.67 -19.97
C1 GOL I . 13.92 10.94 -5.88
O1 GOL I . 13.63 11.03 -7.26
C2 GOL I . 14.15 12.34 -5.38
O2 GOL I . 12.91 13.00 -5.39
C3 GOL I . 15.20 12.98 -6.30
O3 GOL I . 16.51 12.71 -5.80
N1 FMN J . 0.76 -6.44 -13.42
C2 FMN J . -0.44 -6.67 -14.05
O2 FMN J . -1.48 -6.69 -13.37
N3 FMN J . -0.52 -6.96 -15.36
C4 FMN J . 0.60 -7.01 -16.20
O4 FMN J . 0.42 -7.27 -17.39
C4A FMN J . 1.83 -6.76 -15.62
N5 FMN J . 3.00 -6.81 -16.40
C5A FMN J . 4.19 -6.40 -15.83
C6 FMN J . 5.30 -6.24 -16.68
C7 FMN J . 6.50 -5.74 -16.15
C7M FMN J . 7.73 -5.69 -17.07
C8 FMN J . 6.55 -5.38 -14.78
C8M FMN J . 7.78 -4.79 -14.21
C9 FMN J . 5.42 -5.49 -13.94
C9A FMN J . 4.23 -5.98 -14.46
N10 FMN J . 3.11 -6.13 -13.63
C10 FMN J . 1.89 -6.44 -14.24
C1' FMN J . 3.14 -5.69 -12.20
C2' FMN J . 3.92 -6.75 -11.40
O2' FMN J . 3.08 -7.88 -11.14
C3' FMN J . 4.48 -6.15 -10.10
O3' FMN J . 5.41 -5.09 -10.41
C4' FMN J . 5.15 -7.16 -9.14
O4' FMN J . 4.24 -8.28 -8.84
C5' FMN J . 5.69 -6.52 -7.88
O5' FMN J . 4.67 -5.83 -7.22
P FMN J . 4.79 -4.27 -6.94
O1P FMN J . 3.47 -3.94 -6.23
O2P FMN J . 5.04 -3.53 -8.28
O3P FMN J . 5.94 -4.02 -5.99
CL CL K . 25.89 4.60 -27.09
CL CL L . -7.25 -0.12 2.44
C1 GOL M . -4.24 -10.55 -21.63
O1 GOL M . -4.92 -10.30 -22.83
C2 GOL M . -5.20 -10.91 -20.50
O2 GOL M . -5.43 -9.83 -19.64
C3 GOL M . -4.62 -12.01 -19.62
O3 GOL M . -5.46 -12.22 -18.51
C1 GOL N . -3.03 -9.74 -9.76
O1 GOL N . -2.28 -9.72 -8.57
C2 GOL N . -2.27 -10.21 -11.00
O2 GOL N . -1.32 -11.21 -10.72
C3 GOL N . -1.51 -9.07 -11.64
O3 GOL N . -1.19 -9.38 -12.97
C1 GOL O . 28.84 -5.64 -30.90
O1 GOL O . 28.56 -5.54 -32.29
C2 GOL O . 30.35 -5.65 -30.55
O2 GOL O . 30.61 -4.82 -29.45
C3 GOL O . 30.88 -7.03 -30.21
O3 GOL O . 31.18 -7.73 -31.39
N1 FMN P . -14.68 2.82 31.99
C2 FMN P . -13.81 2.97 33.02
O2 FMN P . -14.11 2.61 34.16
N3 FMN P . -12.58 3.52 32.84
C4 FMN P . -12.16 3.99 31.57
O4 FMN P . -11.03 4.46 31.51
C4A FMN P . -13.04 3.82 30.51
N5 FMN P . -12.68 4.25 29.25
C5A FMN P . -13.48 3.95 28.17
C6 FMN P . -12.98 4.17 26.91
C7 FMN P . -13.70 3.82 25.78
C7M FMN P . -13.16 4.14 24.40
C8 FMN P . -14.92 3.15 25.95
C8M FMN P . -15.72 2.70 24.77
C9 FMN P . -15.42 2.90 27.21
C9A FMN P . -14.70 3.25 28.34
N10 FMN P . -15.18 3.00 29.63
C10 FMN P . -14.30 3.21 30.72
C1' FMN P . -16.46 2.25 29.85
C2' FMN P . -17.63 3.23 29.57
O2' FMN P . -17.81 4.14 30.67
C3' FMN P . -18.89 2.41 29.26
O3' FMN P . -18.66 1.62 28.06
C4' FMN P . -20.11 3.27 29.03
O4' FMN P . -20.35 4.04 30.23
C5' FMN P . -21.32 2.46 28.68
O5' FMN P . -21.64 1.52 29.63
P FMN P . -21.65 -0.03 29.28
O1P FMN P . -21.82 -0.77 30.60
O2P FMN P . -20.36 -0.36 28.49
O3P FMN P . -22.81 -0.30 28.40
C1 GOL Q . -8.53 8.61 37.08
O1 GOL Q . -9.01 8.16 38.33
C2 GOL Q . -7.45 7.69 36.52
O2 GOL Q . -7.63 6.42 37.09
C3 GOL Q . -6.04 8.19 36.84
O3 GOL Q . -5.04 7.64 36.00
C1 GOL R . -22.32 -11.54 31.31
C1 GOL R . -22.29 -11.50 31.20
O1 GOL R . -22.36 -12.51 32.35
O1 GOL R . -23.55 -11.15 30.67
C2 GOL R . -20.90 -11.32 30.78
C2 GOL R . -21.15 -10.90 30.38
O2 GOL R . -19.96 -11.54 31.79
O2 GOL R . -21.70 -10.10 29.37
C3 GOL R . -20.57 -12.22 29.58
C3 GOL R . -20.20 -11.96 29.82
O3 GOL R . -21.18 -13.49 29.70
O3 GOL R . -20.83 -12.85 28.90
C1 GOL S . -28.25 7.52 29.88
O1 GOL S . -27.07 7.97 30.50
C2 GOL S . -28.65 8.46 28.73
O2 GOL S . -27.75 8.34 27.61
C3 GOL S . -30.13 8.19 28.39
O3 GOL S . -30.68 9.19 27.55
N1 FMN T . -10.78 -0.65 1.60
C2 FMN T . -11.09 0.16 0.53
O2 FMN T . -11.37 -0.33 -0.56
N3 FMN T . -11.03 1.56 0.70
C4 FMN T . -10.74 2.17 1.88
O4 FMN T . -10.73 3.40 1.95
C4A FMN T . -10.41 1.34 2.97
N5 FMN T . -10.08 1.92 4.18
C5A FMN T . -9.98 1.06 5.28
C6 FMN T . -9.92 1.63 6.54
C7 FMN T . -9.86 0.84 7.68
C7M FMN T . -9.77 1.49 9.05
C8 FMN T . -9.98 -0.57 7.58
C8M FMN T . -10.01 -1.46 8.82
C9 FMN T . -10.09 -1.10 6.31
C9A FMN T . -10.11 -0.33 5.18
N10 FMN T . -10.20 -0.90 3.91
C10 FMN T . -10.48 -0.06 2.81
C1' FMN T . -10.30 -2.40 3.76
C2' FMN T . -8.93 -3.01 4.04
O2' FMN T . -8.19 -2.91 2.83
C3' FMN T . -9.13 -4.48 4.45
O3' FMN T . -9.88 -4.51 5.62
C4' FMN T . -7.83 -5.24 4.58
O4' FMN T . -7.13 -5.27 3.35
C5' FMN T . -8.06 -6.69 4.99
O5' FMN T . -8.89 -7.36 4.06
P FMN T . -10.22 -8.04 4.58
O1P FMN T . -10.85 -8.56 3.30
O2P FMN T . -11.07 -6.95 5.26
O3P FMN T . -9.76 -9.10 5.58
C1 GOL U . -22.88 -13.98 2.20
O1 GOL U . -23.29 -14.83 3.26
C2 GOL U . -22.19 -14.81 1.10
O2 GOL U . -21.11 -15.58 1.59
C3 GOL U . -23.24 -15.70 0.45
O3 GOL U . -22.71 -16.47 -0.61
C1 GOL V . -22.27 -14.73 15.57
O1 GOL V . -23.28 -14.49 14.59
C2 GOL V . -22.70 -14.27 16.96
O2 GOL V . -21.80 -13.26 17.32
C3 GOL V . -22.59 -15.37 18.02
O3 GOL V . -22.35 -14.84 19.32
C1 GOL W . -13.49 7.58 29.19
O1 GOL W . -12.13 7.24 29.39
C2 GOL W . -14.21 7.69 30.53
O2 GOL W . -13.37 8.17 31.54
C3 GOL W . -14.60 6.29 30.97
O3 GOL W . -15.91 5.96 30.70
#